data_3JBG
#
_entry.id   3JBG
#
_cell.length_a   1
_cell.length_b   1
_cell.length_c   1
_cell.angle_alpha   90
_cell.angle_beta   90
_cell.angle_gamma   90
#
_symmetry.space_group_name_H-M   'P 1'
#
loop_
_entity.id
_entity.type
_entity.pdbx_description
1 polymer 'Capsid protein VP1'
2 polymer 'Capsid protein VP2'
3 polymer 'Capsid protein VP3'
4 polymer 'Capsid protein VP4'
5 polymer 'nanobody VHH PVSS21E'
6 non-polymer 'PALMITIC ACID'
#
loop_
_entity_poly.entity_id
_entity_poly.type
_entity_poly.pdbx_seq_one_letter_code
_entity_poly.pdbx_strand_id
1 'polypeptide(L)'
;GLGQMLESMIDNTVRETVGAATSRDALPNTEASGPTHSKEIPALTAVETGATNPLVPSDTVQTRHVVQHRSRSESSIESF
FARGACVTIMTVDNPASTTNKDKLFAVWKITYKDTVQLRRKLEFFTYSRFDMELTFVVTANFTETNNGHALNQVYQIMYV
PPGAPVPEKWDDYTWQTSSNPSIFYTYGTAPARISVPYVGISNAYSHFYDGFSKVPLKDQSAALGDSLYGAASLNDFGIL
AVRVVNDHNPTKVTSKIRVYLKPKHIRVWCPRPPRAVAYYGPGVDYKDGTLTPLSTKDLTTY
;
1
2 'polypeptide(L)'
;SPNIEACGYSDRVLQLTLGNSTITTQEAANSVVAYGRWPEYLRDSEANPVDQPTEPDVAACRFYTLDTVSWTKESRGWWW
KLPDALRDMGLFGQNMYYHYLGRSGYTVHVQCNASKFHQGALGVFAVPEMCLAGDSNTTTMHTSYQNANPGEKGGTFTGT
FTPDNNQTSPARRFCPVDYLLGNGTLLGNAFVFPHQIINLRTNNCATLVLPYVNSLSIDSMVKHNNWGIAILPLAPLNFA
SESSPEIPITLTIAPMCCEFNGLRNITLPRLQ
;
2
3 'polypeptide(L)'
;GLPVMNTPGSNQYLTADNFQSPCALPEFDVTPPIDIPGEVKNMMELAEIDTMIPFDLSATKKNTMEMYRVRLSDKPHTDD
PILCLSLSPASDPRLSHTMLGEILNYYTHWAGSLKFTFLFCGSMMATGKLLVSYAPPGADPPKKRKEAMLGTHVIWDIGL
QSSCTMVVPWISNTTYRQTIDDSFTEGGYISVFYQTRIVVPLSTPREMDILGFVSACNDFSVRLLRDTTHIEQKALA
;
3
4 'polypeptide(L)' (MYR)GAQVSSQKVGAHENSNRAYGGSTINYTTINYYRDSASNAASKQDFSQDPSKFTEPIKDVLIKTAPMLN 4
5 'polypeptide(L)'
;QVQLQESGGGSVQAGGSLRLSCAASEYIPSANCMRWFRQAPKEREWVASVLRGGYTWHADSVKGRFTISGDNAKTAAYLQ
MNSLKPEDTAIYYCAYSNTCPGASADFRSWGQGTQVTVSSHHHHHH
;
7
#
loop_
_chem_comp.id
_chem_comp.type
_chem_comp.name
_chem_comp.formula
MYR non-polymer 'MYRISTIC ACID' 'C14 H28 O2'
PLM non-polymer 'PALMITIC ACID' 'C16 H32 O2'
#
# COMPACT_ATOMS: atom_id res chain seq x y z
N ALA A 20 10.72 -24.08 -9.95
CA ALA A 20 10.89 -25.20 -8.94
C ALA A 20 11.07 -24.70 -7.49
N ALA A 21 11.38 -23.43 -7.39
CA ALA A 21 11.57 -22.82 -6.09
C ALA A 21 10.20 -22.63 -5.43
N THR A 22 10.01 -23.31 -4.32
CA THR A 22 8.75 -23.22 -3.60
C THR A 22 8.82 -22.15 -2.50
N SER A 23 7.66 -21.65 -2.14
CA SER A 23 7.55 -20.64 -1.12
C SER A 23 8.23 -21.00 0.20
N ARG A 24 8.17 -22.26 0.55
CA ARG A 24 8.78 -22.71 1.79
C ARG A 24 10.24 -23.14 1.76
N ASP A 25 10.88 -22.91 0.63
CA ASP A 25 12.29 -23.25 0.50
C ASP A 25 13.16 -22.25 1.26
N ALA A 26 14.29 -22.74 1.75
CA ALA A 26 15.21 -21.87 2.46
C ALA A 26 15.87 -20.88 1.51
N LEU A 27 16.10 -19.68 2.01
CA LEU A 27 16.74 -18.66 1.21
C LEU A 27 18.21 -18.97 1.00
N PRO A 28 18.82 -18.31 0.03
CA PRO A 28 20.24 -18.57 -0.23
C PRO A 28 21.23 -18.32 0.91
N ASN A 29 22.16 -19.25 1.04
CA ASN A 29 23.18 -19.16 2.06
C ASN A 29 24.15 -18.01 1.82
N THR A 30 24.77 -17.56 2.90
CA THR A 30 25.74 -16.49 2.79
C THR A 30 27.12 -17.16 2.62
N GLU A 31 27.77 -16.80 1.53
CA GLU A 31 29.07 -17.35 1.23
C GLU A 31 30.20 -16.54 1.85
N ALA A 32 31.18 -17.24 2.39
CA ALA A 32 32.32 -16.59 3.00
C ALA A 32 33.08 -15.82 1.91
N SER A 33 33.45 -14.60 2.24
CA SER A 33 34.20 -13.78 1.30
C SER A 33 35.26 -12.96 2.02
N GLY A 34 36.43 -12.89 1.42
CA GLY A 34 37.52 -12.16 2.01
C GLY A 34 37.79 -10.76 1.47
N PRO A 35 38.95 -10.23 1.80
CA PRO A 35 39.29 -8.90 1.32
C PRO A 35 39.37 -8.79 -0.20
N THR A 36 39.23 -7.58 -0.69
CA THR A 36 39.30 -7.37 -2.14
C THR A 36 39.95 -6.03 -2.52
N HIS A 37 40.50 -6.02 -3.72
CA HIS A 37 41.16 -4.84 -4.23
C HIS A 37 41.18 -5.00 -5.74
N SER A 38 40.11 -4.56 -6.38
CA SER A 38 40.02 -4.72 -7.83
C SER A 38 39.19 -3.70 -8.62
N LYS A 39 39.07 -3.96 -9.91
CA LYS A 39 38.30 -3.11 -10.79
C LYS A 39 36.80 -3.39 -10.73
N GLU A 40 36.45 -4.51 -10.14
CA GLU A 40 35.05 -4.87 -10.00
C GLU A 40 34.46 -3.88 -9.01
N ILE A 41 33.38 -3.25 -9.42
CA ILE A 41 32.73 -2.25 -8.59
C ILE A 41 31.27 -2.48 -8.26
N PRO A 42 31.01 -3.46 -7.39
CA PRO A 42 29.61 -3.71 -7.02
C PRO A 42 28.90 -2.54 -6.35
N ALA A 43 29.62 -1.86 -5.48
CA ALA A 43 29.05 -0.74 -4.77
C ALA A 43 28.53 0.45 -5.57
N LEU A 44 29.21 0.75 -6.66
CA LEU A 44 28.80 1.83 -7.52
C LEU A 44 27.69 1.41 -8.50
N THR A 45 26.71 2.29 -8.64
CA THR A 45 25.59 2.03 -9.51
C THR A 45 25.03 3.33 -10.08
N ALA A 46 23.90 3.20 -10.75
CA ALA A 46 23.24 4.35 -11.33
C ALA A 46 21.74 4.06 -11.36
N VAL A 47 21.03 4.64 -10.41
CA VAL A 47 19.60 4.42 -10.33
C VAL A 47 18.74 4.97 -11.48
N GLU A 48 19.37 5.80 -12.29
CA GLU A 48 18.70 6.37 -13.44
C GLU A 48 18.14 5.29 -14.36
N THR A 49 18.90 4.22 -14.50
CA THR A 49 18.49 3.12 -15.33
C THR A 49 17.14 2.52 -14.93
N GLY A 50 16.76 2.74 -13.69
CA GLY A 50 15.51 2.23 -13.19
C GLY A 50 15.65 0.82 -12.60
N ALA A 51 16.89 0.41 -12.45
CA ALA A 51 17.18 -0.89 -11.88
C ALA A 51 17.65 -0.74 -10.43
N THR A 52 17.39 -1.78 -9.66
CA THR A 52 17.80 -1.83 -8.28
C THR A 52 19.09 -2.65 -8.28
N ASN A 53 20.08 -2.14 -7.58
CA ASN A 53 21.36 -2.83 -7.52
C ASN A 53 21.27 -4.11 -6.71
N PRO A 54 21.47 -5.23 -7.37
CA PRO A 54 21.31 -6.51 -6.69
C PRO A 54 22.43 -7.02 -5.77
N LEU A 55 22.77 -6.20 -4.80
CA LEU A 55 23.83 -6.58 -3.88
C LEU A 55 23.48 -7.49 -2.69
N VAL A 56 24.49 -8.19 -2.22
CA VAL A 56 24.37 -9.05 -1.08
C VAL A 56 25.52 -8.65 -0.19
N PRO A 57 25.39 -8.90 1.11
CA PRO A 57 26.49 -8.50 2.01
C PRO A 57 27.94 -8.71 1.54
N SER A 58 28.18 -9.89 1.01
CA SER A 58 29.50 -10.22 0.53
C SER A 58 30.12 -9.29 -0.55
N ASP A 59 29.27 -8.43 -1.08
CA ASP A 59 29.70 -7.50 -2.08
C ASP A 59 30.35 -6.27 -1.49
N THR A 60 30.03 -5.99 -0.24
CA THR A 60 30.60 -4.81 0.42
C THR A 60 31.36 -4.98 1.73
N VAL A 61 31.28 -6.16 2.29
CA VAL A 61 31.98 -6.45 3.53
C VAL A 61 32.49 -7.90 3.51
N GLN A 62 33.35 -8.21 4.45
CA GLN A 62 33.84 -9.57 4.56
C GLN A 62 32.76 -10.36 5.31
N THR A 63 32.45 -11.53 4.78
CA THR A 63 31.42 -12.35 5.37
C THR A 63 31.87 -13.79 5.65
N ARG A 64 31.17 -14.43 6.57
CA ARG A 64 31.46 -15.81 6.90
C ARG A 64 30.45 -16.68 6.18
N HIS A 65 30.64 -17.98 6.29
CA HIS A 65 29.69 -18.90 5.66
C HIS A 65 28.52 -19.15 6.62
N VAL A 66 27.32 -18.95 6.10
CA VAL A 66 26.13 -19.14 6.91
C VAL A 66 25.06 -19.98 6.21
N VAL A 67 24.73 -21.10 6.82
CA VAL A 67 23.71 -21.97 6.27
C VAL A 67 22.37 -21.32 6.62
N GLN A 68 21.75 -20.75 5.61
CA GLN A 68 20.48 -20.07 5.80
C GLN A 68 19.25 -20.95 5.90
N HIS A 69 18.51 -20.77 6.98
CA HIS A 69 17.32 -21.57 7.22
C HIS A 69 15.97 -20.90 7.00
N ARG A 70 15.95 -19.59 7.10
CA ARG A 70 14.72 -18.85 6.93
C ARG A 70 14.09 -18.98 5.53
N SER A 71 12.77 -18.89 5.51
CA SER A 71 12.05 -18.99 4.25
C SER A 71 10.97 -17.91 4.18
N ARG A 72 10.49 -17.68 2.98
CA ARG A 72 9.48 -16.68 2.75
C ARG A 72 8.07 -17.29 2.67
N SER A 73 7.92 -18.44 3.28
CA SER A 73 6.66 -19.14 3.26
C SER A 73 5.43 -18.37 3.71
N GLU A 74 5.64 -17.44 4.61
CA GLU A 74 4.51 -16.66 5.12
C GLU A 74 4.19 -15.38 4.34
N SER A 75 5.03 -15.10 3.36
CA SER A 75 4.81 -13.92 2.54
C SER A 75 4.39 -14.16 1.09
N SER A 76 4.01 -15.38 0.80
CA SER A 76 3.53 -15.70 -0.54
C SER A 76 2.18 -15.02 -0.65
N ILE A 77 1.78 -14.70 -1.87
CA ILE A 77 0.50 -14.03 -2.06
C ILE A 77 -0.66 -14.76 -1.40
N GLU A 78 -0.66 -16.07 -1.53
CA GLU A 78 -1.70 -16.88 -0.93
C GLU A 78 -1.78 -16.70 0.58
N SER A 79 -0.62 -16.76 1.21
CA SER A 79 -0.55 -16.60 2.65
C SER A 79 -0.78 -15.19 3.15
N PHE A 80 -0.56 -14.23 2.28
CA PHE A 80 -0.76 -12.83 2.64
C PHE A 80 -2.22 -12.48 2.82
N PHE A 81 -3.05 -13.05 1.97
CA PHE A 81 -4.49 -12.81 2.06
C PHE A 81 -5.24 -13.98 2.69
N ALA A 82 -4.55 -14.71 3.54
CA ALA A 82 -5.15 -15.86 4.18
C ALA A 82 -6.16 -15.59 5.29
N ARG A 83 -6.26 -14.32 5.67
CA ARG A 83 -7.21 -13.94 6.70
C ARG A 83 -8.50 -13.39 6.13
N GLY A 84 -9.61 -13.76 6.75
CA GLY A 84 -10.89 -13.25 6.32
C GLY A 84 -11.06 -11.87 6.92
N ALA A 85 -11.91 -11.07 6.30
CA ALA A 85 -12.10 -9.70 6.79
C ALA A 85 -13.51 -9.15 6.65
N CYS A 86 -13.91 -8.37 7.63
CA CYS A 86 -15.23 -7.76 7.62
C CYS A 86 -15.48 -6.85 6.44
N VAL A 87 -16.72 -6.82 5.98
CA VAL A 87 -17.06 -5.94 4.88
C VAL A 87 -18.28 -5.05 5.09
N THR A 88 -19.24 -5.56 5.84
CA THR A 88 -20.45 -4.80 6.11
C THR A 88 -21.24 -5.27 7.33
N ILE A 89 -22.08 -4.38 7.82
CA ILE A 89 -22.92 -4.70 8.97
C ILE A 89 -24.38 -4.45 8.57
N MET A 90 -25.05 -5.52 8.22
CA MET A 90 -26.44 -5.43 7.83
C MET A 90 -27.37 -5.58 9.03
N THR A 91 -28.38 -4.75 9.10
CA THR A 91 -29.29 -4.77 10.24
C THR A 91 -30.80 -4.81 9.97
N VAL A 92 -31.52 -5.28 10.98
CA VAL A 92 -32.97 -5.36 10.87
C VAL A 92 -33.67 -4.58 11.98
N ASP A 93 -34.99 -4.57 11.93
CA ASP A 93 -35.76 -3.81 12.90
C ASP A 93 -37.28 -4.01 12.94
N ASN A 94 -37.79 -4.23 14.14
CA ASN A 94 -39.23 -4.39 14.30
C ASN A 94 -39.78 -3.21 15.06
N PRO A 95 -40.93 -2.71 14.62
CA PRO A 95 -41.51 -1.56 15.33
C PRO A 95 -42.45 -1.93 16.50
N ALA A 96 -43.46 -1.11 16.67
CA ALA A 96 -44.43 -1.36 17.72
C ALA A 96 -45.31 -2.57 17.35
N SER A 97 -46.16 -2.33 16.36
CA SER A 97 -46.99 -3.38 15.84
C SER A 97 -46.56 -3.26 14.38
N THR A 98 -47.52 -3.13 13.50
CA THR A 98 -47.23 -2.88 12.10
C THR A 98 -47.31 -1.35 12.12
N THR A 99 -48.41 -0.87 12.69
CA THR A 99 -48.64 0.55 12.79
C THR A 99 -48.84 1.09 11.35
N ASN A 100 -47.80 0.91 10.57
CA ASN A 100 -47.78 1.31 9.20
C ASN A 100 -46.66 0.58 8.44
N LYS A 101 -45.65 0.17 9.19
CA LYS A 101 -44.51 -0.49 8.58
C LYS A 101 -44.36 -2.03 8.47
N ASP A 102 -43.93 -2.42 7.28
CA ASP A 102 -43.73 -3.81 6.96
C ASP A 102 -42.54 -4.03 6.02
N LYS A 103 -41.60 -3.10 6.09
CA LYS A 103 -40.41 -3.16 5.27
C LYS A 103 -39.21 -3.54 6.15
N LEU A 104 -39.31 -4.72 6.72
CA LEU A 104 -38.29 -5.23 7.60
C LEU A 104 -37.35 -6.21 6.89
N PHE A 105 -36.36 -5.65 6.20
CA PHE A 105 -35.40 -6.46 5.49
C PHE A 105 -34.22 -5.61 5.01
N ALA A 106 -33.04 -6.18 5.08
CA ALA A 106 -31.85 -5.48 4.65
C ALA A 106 -31.30 -5.90 3.29
N VAL A 107 -30.95 -4.89 2.50
CA VAL A 107 -30.39 -5.12 1.19
C VAL A 107 -29.10 -4.33 1.08
N TRP A 108 -28.02 -5.04 0.84
CA TRP A 108 -26.71 -4.43 0.72
C TRP A 108 -26.01 -4.70 -0.61
N LYS A 109 -25.52 -3.64 -1.22
CA LYS A 109 -24.83 -3.77 -2.49
C LYS A 109 -23.43 -4.33 -2.30
N ILE A 110 -23.24 -5.56 -2.73
CA ILE A 110 -21.97 -6.23 -2.56
C ILE A 110 -20.73 -5.51 -3.12
N THR A 111 -19.92 -5.02 -2.22
CA THR A 111 -18.71 -4.31 -2.59
C THR A 111 -17.77 -4.29 -1.39
N TYR A 112 -16.52 -4.60 -1.65
CA TYR A 112 -15.52 -4.60 -0.59
C TYR A 112 -15.12 -3.19 -0.14
N LYS A 113 -15.31 -2.25 -1.04
CA LYS A 113 -14.96 -0.87 -0.78
C LYS A 113 -15.71 -0.10 0.30
N ASP A 114 -16.32 -0.85 1.20
CA ASP A 114 -17.06 -0.24 2.29
C ASP A 114 -16.24 -0.03 3.56
N THR A 115 -15.27 -0.91 3.75
CA THR A 115 -14.39 -0.80 4.89
C THR A 115 -13.04 -0.28 4.42
N VAL A 116 -12.05 -0.36 5.28
CA VAL A 116 -10.72 0.09 4.91
C VAL A 116 -9.68 -1.01 4.98
N GLN A 117 -9.80 -1.85 5.99
CA GLN A 117 -8.85 -2.92 6.18
C GLN A 117 -8.59 -3.89 5.05
N LEU A 118 -9.64 -4.49 4.54
CA LEU A 118 -9.50 -5.41 3.41
C LEU A 118 -9.19 -4.63 2.14
N ARG A 119 -9.82 -3.48 2.02
CA ARG A 119 -9.64 -2.63 0.86
C ARG A 119 -8.19 -2.24 0.60
N ARG A 120 -7.50 -1.84 1.65
CA ARG A 120 -6.11 -1.44 1.49
C ARG A 120 -5.23 -2.60 1.06
N LYS A 121 -5.46 -3.75 1.64
CA LYS A 121 -4.71 -4.94 1.29
C LYS A 121 -4.89 -5.34 -0.16
N LEU A 122 -6.07 -5.08 -0.68
CA LEU A 122 -6.37 -5.39 -2.06
C LEU A 122 -5.97 -4.31 -3.05
N GLU A 123 -5.24 -3.32 -2.55
CA GLU A 123 -4.77 -2.25 -3.40
C GLU A 123 -3.29 -2.25 -3.75
N PHE A 124 -2.53 -3.10 -3.06
CA PHE A 124 -1.13 -3.25 -3.38
C PHE A 124 -0.97 -3.72 -4.82
N PHE A 125 -2.04 -4.24 -5.37
CA PHE A 125 -2.02 -4.75 -6.73
C PHE A 125 -3.10 -4.14 -7.62
N THR A 126 -2.85 -4.15 -8.91
CA THR A 126 -3.79 -3.59 -9.86
C THR A 126 -4.88 -4.55 -10.27
N TYR A 127 -4.51 -5.81 -10.45
CA TYR A 127 -5.49 -6.81 -10.84
C TYR A 127 -5.35 -8.12 -10.06
N SER A 128 -6.45 -8.84 -9.97
CA SER A 128 -6.45 -10.11 -9.27
C SER A 128 -7.50 -11.12 -9.75
N ARG A 129 -7.26 -12.37 -9.40
CA ARG A 129 -8.17 -13.43 -9.70
C ARG A 129 -8.19 -14.28 -8.44
N PHE A 130 -9.38 -14.63 -8.00
CA PHE A 130 -9.52 -15.45 -6.81
C PHE A 130 -10.89 -16.06 -6.56
N ASP A 131 -10.88 -17.24 -5.98
CA ASP A 131 -12.11 -17.90 -5.59
C ASP A 131 -12.39 -17.21 -4.26
N MET A 132 -13.64 -16.93 -4.00
CA MET A 132 -14.00 -16.24 -2.77
C MET A 132 -14.85 -17.01 -1.76
N GLU A 133 -14.36 -17.04 -0.54
CA GLU A 133 -15.04 -17.71 0.53
C GLU A 133 -15.69 -16.68 1.43
N LEU A 134 -16.99 -16.82 1.63
CA LEU A 134 -17.71 -15.90 2.49
C LEU A 134 -18.28 -16.58 3.73
N THR A 135 -18.01 -16.00 4.88
CA THR A 135 -18.50 -16.54 6.13
C THR A 135 -19.38 -15.49 6.78
N PHE A 136 -20.49 -15.93 7.33
CA PHE A 136 -21.44 -15.02 7.94
C PHE A 136 -21.67 -15.24 9.44
N VAL A 137 -21.32 -14.24 10.23
CA VAL A 137 -21.51 -14.32 11.66
C VAL A 137 -22.75 -13.52 12.03
N VAL A 138 -23.74 -14.21 12.56
CA VAL A 138 -25.00 -13.55 12.90
C VAL A 138 -25.28 -13.44 14.41
N THR A 139 -25.55 -12.23 14.84
CA THR A 139 -25.84 -11.98 16.24
C THR A 139 -27.14 -11.24 16.40
N ALA A 140 -27.81 -11.45 17.51
CA ALA A 140 -29.07 -10.78 17.77
C ALA A 140 -29.23 -10.31 19.20
N ASN A 141 -30.23 -9.48 19.43
CA ASN A 141 -30.48 -8.98 20.77
C ASN A 141 -31.86 -8.33 20.99
N PHE A 142 -32.15 -8.07 22.25
CA PHE A 142 -33.38 -7.42 22.61
C PHE A 142 -33.23 -5.91 22.67
N THR A 143 -34.36 -5.22 22.68
CA THR A 143 -34.34 -3.77 22.68
C THR A 143 -34.88 -3.16 23.98
N GLU A 144 -36.18 -3.19 24.11
CA GLU A 144 -36.84 -2.67 25.28
C GLU A 144 -36.99 -3.76 26.32
N THR A 145 -36.65 -3.43 27.55
CA THR A 145 -36.77 -4.40 28.64
C THR A 145 -38.20 -4.98 28.71
N ASN A 146 -38.26 -6.28 28.55
CA ASN A 146 -39.52 -6.98 28.55
C ASN A 146 -39.39 -8.45 29.01
N ASN A 147 -40.53 -8.99 29.39
CA ASN A 147 -40.61 -10.35 29.85
C ASN A 147 -40.93 -11.33 28.70
N GLY A 148 -40.95 -10.77 27.50
CA GLY A 148 -41.21 -11.55 26.32
C GLY A 148 -40.02 -12.39 25.88
N HIS A 149 -40.32 -13.47 25.19
CA HIS A 149 -39.28 -14.37 24.74
C HIS A 149 -39.49 -14.78 23.27
N ALA A 150 -38.46 -14.58 22.48
CA ALA A 150 -38.51 -14.93 21.08
C ALA A 150 -37.98 -16.35 20.90
N LEU A 151 -38.47 -17.02 19.88
CA LEU A 151 -38.00 -18.36 19.58
C LEU A 151 -36.88 -18.25 18.55
N ASN A 152 -35.96 -19.21 18.61
CA ASN A 152 -34.83 -19.21 17.71
C ASN A 152 -35.21 -18.84 16.27
N GLN A 153 -34.47 -17.90 15.73
CA GLN A 153 -34.74 -17.41 14.39
C GLN A 153 -33.97 -18.10 13.25
N VAL A 154 -34.56 -17.99 12.07
CA VAL A 154 -33.95 -18.53 10.88
C VAL A 154 -33.82 -17.33 9.97
N TYR A 155 -32.66 -17.20 9.35
CA TYR A 155 -32.42 -16.09 8.44
C TYR A 155 -32.22 -16.57 7.01
N GLN A 156 -32.60 -15.71 6.08
CA GLN A 156 -32.45 -16.04 4.68
C GLN A 156 -31.49 -15.02 4.05
N ILE A 157 -30.36 -15.51 3.60
CA ILE A 157 -29.38 -14.66 2.96
C ILE A 157 -29.50 -15.04 1.49
N MET A 158 -30.03 -14.10 0.72
CA MET A 158 -30.23 -14.33 -0.70
C MET A 158 -29.36 -13.49 -1.62
N TYR A 159 -28.61 -14.16 -2.47
CA TYR A 159 -27.77 -13.48 -3.42
C TYR A 159 -28.64 -13.16 -4.63
N VAL A 160 -28.75 -11.88 -4.93
CA VAL A 160 -29.53 -11.44 -6.07
C VAL A 160 -28.52 -10.89 -7.06
N PRO A 161 -28.24 -11.66 -8.09
CA PRO A 161 -27.30 -11.22 -9.10
C PRO A 161 -27.83 -10.05 -9.87
N PRO A 162 -26.96 -9.25 -10.45
CA PRO A 162 -27.42 -8.07 -11.18
C PRO A 162 -28.47 -8.39 -12.25
N GLY A 163 -29.67 -7.87 -12.03
CA GLY A 163 -30.76 -8.12 -12.95
C GLY A 163 -32.05 -8.62 -12.33
N ALA A 164 -31.93 -9.62 -11.49
CA ALA A 164 -33.09 -10.20 -10.84
C ALA A 164 -33.91 -9.22 -10.05
N PRO A 165 -35.18 -9.57 -9.80
CA PRO A 165 -36.04 -8.62 -9.09
C PRO A 165 -35.72 -8.48 -7.60
N VAL A 166 -35.51 -7.24 -7.18
CA VAL A 166 -35.17 -6.99 -5.79
C VAL A 166 -36.40 -6.89 -4.90
N PRO A 167 -36.37 -7.60 -3.79
CA PRO A 167 -37.49 -7.60 -2.88
C PRO A 167 -38.11 -6.24 -2.50
N GLU A 168 -39.41 -6.15 -2.66
CA GLU A 168 -40.12 -4.94 -2.37
C GLU A 168 -40.77 -4.94 -0.99
N LYS A 169 -41.44 -6.04 -0.68
CA LYS A 169 -42.07 -6.20 0.61
C LYS A 169 -41.35 -7.35 1.27
N TRP A 170 -41.46 -7.45 2.58
CA TRP A 170 -40.77 -8.53 3.29
C TRP A 170 -41.35 -9.89 2.92
N ASP A 171 -42.57 -9.87 2.43
CA ASP A 171 -43.24 -11.10 2.04
C ASP A 171 -43.87 -11.06 0.64
N ASP A 172 -43.01 -10.94 -0.34
CA ASP A 172 -43.46 -10.93 -1.72
C ASP A 172 -42.94 -12.17 -2.43
N TYR A 173 -43.17 -12.23 -3.73
CA TYR A 173 -42.74 -13.37 -4.50
C TYR A 173 -41.23 -13.60 -4.53
N THR A 174 -40.49 -12.53 -4.68
CA THR A 174 -39.05 -12.64 -4.77
C THR A 174 -38.33 -13.58 -3.80
N TRP A 175 -38.91 -13.72 -2.63
CA TRP A 175 -38.32 -14.59 -1.63
C TRP A 175 -38.44 -16.09 -1.86
N GLN A 176 -39.16 -16.45 -2.92
CA GLN A 176 -39.32 -17.85 -3.26
C GLN A 176 -38.00 -18.48 -3.73
N THR A 177 -37.18 -17.65 -4.35
CA THR A 177 -35.88 -18.06 -4.79
C THR A 177 -35.73 -19.33 -5.63
N SER A 178 -36.32 -19.30 -6.81
CA SER A 178 -36.24 -20.45 -7.69
C SER A 178 -34.94 -20.60 -8.47
N SER A 179 -34.11 -19.57 -8.43
CA SER A 179 -32.85 -19.62 -9.13
C SER A 179 -31.67 -18.91 -8.45
N ASN A 180 -32.00 -18.02 -7.52
CA ASN A 180 -30.98 -17.32 -6.77
C ASN A 180 -30.48 -18.20 -5.67
N PRO A 181 -29.17 -18.26 -5.48
CA PRO A 181 -28.66 -19.09 -4.37
C PRO A 181 -29.05 -18.42 -3.06
N SER A 182 -29.47 -19.22 -2.10
CA SER A 182 -29.84 -18.70 -0.81
C SER A 182 -29.41 -19.61 0.35
N ILE A 183 -29.06 -18.97 1.45
CA ILE A 183 -28.62 -19.70 2.62
C ILE A 183 -29.58 -19.47 3.78
N PHE A 184 -30.17 -20.54 4.26
CA PHE A 184 -31.05 -20.45 5.41
C PHE A 184 -30.27 -20.80 6.68
N TYR A 185 -29.94 -19.76 7.43
CA TYR A 185 -29.17 -19.91 8.64
C TYR A 185 -30.01 -19.95 9.91
N THR A 186 -29.79 -20.98 10.70
CA THR A 186 -30.49 -21.11 11.96
C THR A 186 -29.58 -20.47 13.02
N TYR A 187 -30.18 -19.64 13.84
CA TYR A 187 -29.46 -18.95 14.88
C TYR A 187 -28.85 -19.87 15.94
N GLY A 188 -27.62 -19.58 16.31
CA GLY A 188 -26.93 -20.37 17.30
C GLY A 188 -26.08 -21.54 16.81
N THR A 189 -26.04 -21.71 15.50
CA THR A 189 -25.23 -22.76 14.92
C THR A 189 -23.96 -22.11 14.38
N ALA A 190 -23.04 -22.95 13.93
CA ALA A 190 -21.81 -22.47 13.36
C ALA A 190 -22.12 -21.48 12.26
N PRO A 191 -21.42 -20.37 12.25
CA PRO A 191 -21.62 -19.37 11.20
C PRO A 191 -21.63 -19.97 9.79
N ALA A 192 -22.50 -19.42 8.97
CA ALA A 192 -22.64 -19.89 7.60
C ALA A 192 -21.48 -19.60 6.67
N ARG A 193 -21.26 -20.48 5.71
CA ARG A 193 -20.15 -20.30 4.79
C ARG A 193 -20.37 -20.89 3.40
N ILE A 194 -19.94 -20.13 2.41
CA ILE A 194 -20.02 -20.58 1.03
C ILE A 194 -18.81 -20.17 0.20
N SER A 195 -18.64 -20.86 -0.92
CA SER A 195 -17.56 -20.53 -1.82
C SER A 195 -18.11 -20.05 -3.16
N VAL A 196 -17.38 -19.16 -3.79
CA VAL A 196 -17.77 -18.62 -5.07
C VAL A 196 -16.55 -18.65 -5.98
N PRO A 197 -16.75 -19.08 -7.21
CA PRO A 197 -15.61 -19.12 -8.14
C PRO A 197 -15.25 -17.71 -8.57
N TYR A 198 -14.17 -17.60 -9.33
CA TYR A 198 -13.80 -16.29 -9.88
C TYR A 198 -14.95 -15.98 -10.83
N VAL A 199 -15.72 -14.97 -10.47
CA VAL A 199 -16.88 -14.60 -11.27
C VAL A 199 -16.82 -13.33 -12.11
N GLY A 200 -15.61 -12.85 -12.34
CA GLY A 200 -15.44 -11.64 -13.12
C GLY A 200 -15.71 -11.78 -14.62
N ILE A 201 -16.23 -10.72 -15.20
CA ILE A 201 -16.51 -10.71 -16.62
C ILE A 201 -15.24 -10.50 -17.47
N SER A 202 -14.15 -10.26 -16.77
CA SER A 202 -12.88 -10.05 -17.39
C SER A 202 -11.94 -11.17 -17.03
N ASN A 203 -10.74 -11.13 -17.60
CA ASN A 203 -9.75 -12.14 -17.29
C ASN A 203 -9.19 -12.04 -15.87
N ALA A 204 -9.48 -10.91 -15.23
CA ALA A 204 -9.06 -10.67 -13.88
C ALA A 204 -9.90 -9.51 -13.39
N TYR A 205 -10.06 -9.40 -12.09
CA TYR A 205 -10.83 -8.28 -11.54
C TYR A 205 -9.92 -7.06 -11.58
N SER A 206 -10.50 -5.92 -11.82
CA SER A 206 -9.72 -4.68 -11.88
C SER A 206 -9.91 -3.82 -10.64
N HIS A 207 -8.89 -3.81 -9.80
CA HIS A 207 -8.96 -3.02 -8.58
C HIS A 207 -9.02 -1.52 -8.88
N PHE A 208 -8.53 -1.15 -10.04
CA PHE A 208 -8.55 0.22 -10.48
C PHE A 208 -8.96 0.24 -11.93
N TYR A 209 -9.72 1.25 -12.30
CA TYR A 209 -10.15 1.40 -13.67
C TYR A 209 -10.05 2.86 -14.09
N ASP A 210 -9.02 3.16 -14.86
CA ASP A 210 -8.82 4.52 -15.31
C ASP A 210 -9.63 4.85 -16.57
N GLY A 211 -10.91 5.11 -16.35
CA GLY A 211 -11.80 5.42 -17.44
C GLY A 211 -13.28 5.59 -17.13
N PHE A 212 -14.09 5.59 -18.17
CA PHE A 212 -15.51 5.76 -18.02
C PHE A 212 -16.33 4.66 -18.68
N SER A 213 -17.59 4.57 -18.28
CA SER A 213 -18.48 3.57 -18.85
C SER A 213 -19.13 4.07 -20.14
N LYS A 214 -19.22 5.38 -20.26
CA LYS A 214 -19.80 5.99 -21.44
C LYS A 214 -18.91 7.02 -22.11
N VAL A 215 -18.90 6.99 -23.43
CA VAL A 215 -18.14 7.96 -24.19
C VAL A 215 -19.17 9.02 -24.50
N PRO A 216 -18.91 10.25 -24.07
CA PRO A 216 -19.86 11.32 -24.39
C PRO A 216 -19.64 11.69 -25.85
N LEU A 217 -20.72 11.69 -26.61
CA LEU A 217 -20.64 12.00 -28.03
C LEU A 217 -21.04 13.45 -28.29
N LYS A 218 -20.37 14.05 -29.25
CA LYS A 218 -20.67 15.44 -29.59
C LYS A 218 -22.09 15.78 -30.06
N ASP A 219 -22.72 14.80 -30.70
CA ASP A 219 -24.05 14.98 -31.21
C ASP A 219 -25.13 14.49 -30.21
N GLN A 220 -24.75 14.51 -28.96
CA GLN A 220 -25.59 14.04 -27.90
C GLN A 220 -25.50 15.05 -26.76
N SER A 221 -26.46 15.00 -25.85
CA SER A 221 -26.45 15.91 -24.72
C SER A 221 -25.43 15.44 -23.66
N ALA A 222 -24.83 16.43 -23.01
CA ALA A 222 -23.85 16.14 -21.98
C ALA A 222 -24.37 15.15 -20.92
N ALA A 223 -25.63 15.34 -20.57
CA ALA A 223 -26.28 14.48 -19.62
C ALA A 223 -26.30 13.01 -20.07
N LEU A 224 -26.68 12.82 -21.32
CA LEU A 224 -26.72 11.51 -21.90
C LEU A 224 -25.38 10.76 -22.01
N GLY A 225 -24.33 11.52 -22.23
CA GLY A 225 -23.01 10.92 -22.35
C GLY A 225 -22.20 10.85 -21.05
N ASP A 226 -22.82 11.29 -19.97
CA ASP A 226 -22.14 11.33 -18.69
C ASP A 226 -22.10 10.03 -17.84
N SER A 227 -20.99 9.88 -17.15
CA SER A 227 -20.78 8.75 -16.29
C SER A 227 -19.73 9.07 -15.23
N LEU A 228 -19.62 8.19 -14.26
CA LEU A 228 -18.66 8.38 -13.19
C LEU A 228 -17.26 7.87 -13.53
N TYR A 229 -16.28 8.69 -13.23
CA TYR A 229 -14.89 8.34 -13.47
C TYR A 229 -14.48 7.13 -12.62
N GLY A 230 -13.92 6.14 -13.31
CA GLY A 230 -13.47 4.94 -12.62
C GLY A 230 -14.48 3.86 -12.28
N ALA A 231 -15.67 4.01 -12.82
CA ALA A 231 -16.72 3.03 -12.57
C ALA A 231 -17.16 2.22 -13.80
N ALA A 232 -17.25 0.92 -13.60
CA ALA A 232 -17.65 0.02 -14.65
C ALA A 232 -18.32 -1.23 -14.07
N SER A 233 -19.01 -1.95 -14.94
CA SER A 233 -19.66 -3.18 -14.50
C SER A 233 -18.66 -4.33 -14.20
N LEU A 234 -17.40 -4.01 -14.39
CA LEU A 234 -16.33 -4.93 -14.09
C LEU A 234 -16.45 -5.42 -12.62
N ASN A 235 -17.00 -4.52 -11.81
CA ASN A 235 -17.16 -4.80 -10.41
C ASN A 235 -18.59 -4.81 -9.87
N ASP A 236 -19.55 -4.87 -10.79
CA ASP A 236 -20.95 -4.96 -10.36
C ASP A 236 -21.26 -6.45 -10.12
N PHE A 237 -21.35 -6.79 -8.85
CA PHE A 237 -21.61 -8.17 -8.49
C PHE A 237 -23.01 -8.48 -8.00
N GLY A 238 -23.81 -7.43 -7.85
CA GLY A 238 -25.17 -7.61 -7.37
C GLY A 238 -25.32 -7.34 -5.89
N ILE A 239 -26.38 -7.86 -5.30
CA ILE A 239 -26.64 -7.62 -3.89
C ILE A 239 -26.99 -8.85 -3.03
N LEU A 240 -26.84 -8.68 -1.73
CA LEU A 240 -27.21 -9.70 -0.79
C LEU A 240 -28.39 -9.16 -0.02
N ALA A 241 -29.49 -9.88 -0.07
CA ALA A 241 -30.69 -9.47 0.65
C ALA A 241 -30.95 -10.45 1.80
N VAL A 242 -31.03 -9.88 2.99
CA VAL A 242 -31.21 -10.69 4.19
C VAL A 242 -32.46 -10.35 4.97
N ARG A 243 -33.18 -11.38 5.38
CA ARG A 243 -34.38 -11.19 6.18
C ARG A 243 -34.56 -12.26 7.26
N VAL A 244 -35.40 -11.93 8.23
CA VAL A 244 -35.72 -12.86 9.29
C VAL A 244 -36.90 -13.67 8.77
N VAL A 245 -36.70 -14.96 8.62
CA VAL A 245 -37.74 -15.82 8.09
C VAL A 245 -38.98 -15.93 8.99
N ASN A 246 -38.73 -16.00 10.28
CA ASN A 246 -39.80 -16.11 11.24
C ASN A 246 -40.76 -14.94 11.14
N ASP A 247 -42.01 -15.20 11.41
CA ASP A 247 -43.01 -14.13 11.37
C ASP A 247 -42.82 -13.14 12.51
N HIS A 248 -43.61 -12.07 12.47
CA HIS A 248 -43.53 -11.06 13.50
C HIS A 248 -43.75 -11.56 14.93
N ASN A 249 -42.93 -11.06 15.84
CA ASN A 249 -43.01 -11.46 17.23
C ASN A 249 -43.45 -10.24 18.00
N PRO A 250 -44.13 -10.45 19.11
CA PRO A 250 -44.54 -9.29 19.93
C PRO A 250 -43.37 -8.48 20.52
N THR A 251 -42.28 -9.18 20.76
CA THR A 251 -41.11 -8.53 21.32
C THR A 251 -40.09 -8.35 20.19
N LYS A 252 -39.60 -7.14 20.07
CA LYS A 252 -38.63 -6.83 19.04
C LYS A 252 -37.20 -7.38 19.22
N VAL A 253 -36.70 -7.96 18.14
CA VAL A 253 -35.37 -8.50 18.13
C VAL A 253 -34.63 -7.84 16.97
N THR A 254 -33.43 -7.37 17.27
CA THR A 254 -32.60 -6.76 16.24
C THR A 254 -31.45 -7.72 15.93
N SER A 255 -31.14 -7.84 14.66
CA SER A 255 -30.10 -8.76 14.24
C SER A 255 -29.05 -8.16 13.32
N LYS A 256 -27.83 -8.62 13.48
CA LYS A 256 -26.74 -8.17 12.64
C LYS A 256 -25.98 -9.33 11.98
N ILE A 257 -25.71 -9.15 10.70
CA ILE A 257 -25.00 -10.16 9.95
C ILE A 257 -23.69 -9.51 9.50
N ARG A 258 -22.59 -10.07 9.97
CA ARG A 258 -21.29 -9.60 9.56
C ARG A 258 -20.78 -10.55 8.47
N VAL A 259 -20.30 -9.96 7.40
CA VAL A 259 -19.83 -10.75 6.28
C VAL A 259 -18.30 -10.74 6.24
N TYR A 260 -17.73 -11.91 6.09
CA TYR A 260 -16.28 -12.03 6.03
C TYR A 260 -15.82 -12.65 4.71
N LEU A 261 -14.88 -11.98 4.07
CA LEU A 261 -14.39 -12.44 2.79
C LEU A 261 -12.92 -12.87 2.88
N LYS A 262 -12.64 -14.02 2.29
CA LYS A 262 -11.29 -14.54 2.28
C LYS A 262 -10.99 -14.94 0.85
N PRO A 263 -10.09 -14.21 0.21
CA PRO A 263 -9.73 -14.54 -1.15
C PRO A 263 -8.80 -15.75 -1.20
N LYS A 264 -9.29 -16.83 -1.77
CA LYS A 264 -8.50 -18.04 -1.88
C LYS A 264 -8.11 -18.34 -3.32
N HIS A 265 -7.07 -19.13 -3.47
CA HIS A 265 -6.56 -19.48 -4.78
C HIS A 265 -6.34 -18.19 -5.59
N ILE A 266 -5.64 -17.26 -4.97
CA ILE A 266 -5.40 -15.97 -5.56
C ILE A 266 -4.11 -15.69 -6.34
N ARG A 267 -4.26 -14.88 -7.37
CA ARG A 267 -3.16 -14.46 -8.18
C ARG A 267 -3.29 -12.96 -8.35
N VAL A 268 -2.18 -12.26 -8.34
CA VAL A 268 -2.22 -10.81 -8.48
C VAL A 268 -1.17 -10.18 -9.42
N TRP A 269 -1.58 -9.12 -10.09
CA TRP A 269 -0.70 -8.46 -11.03
C TRP A 269 -0.44 -6.96 -10.82
N CYS A 270 0.69 -6.52 -11.30
CA CYS A 270 1.08 -5.13 -11.19
C CYS A 270 1.10 -4.43 -9.84
N PRO A 271 2.23 -4.47 -9.17
CA PRO A 271 2.32 -3.86 -7.85
C PRO A 271 2.12 -2.35 -7.85
N ARG A 272 1.60 -1.84 -6.76
CA ARG A 272 1.35 -0.42 -6.65
C ARG A 272 1.69 0.07 -5.25
N PRO A 273 1.90 1.35 -5.10
CA PRO A 273 2.17 1.88 -3.75
C PRO A 273 0.92 1.81 -2.92
N PRO A 274 1.05 1.41 -1.66
CA PRO A 274 -0.16 1.30 -0.83
C PRO A 274 -0.78 2.64 -0.47
N ARG A 275 -2.08 2.64 -0.27
CA ARG A 275 -2.79 3.85 0.09
C ARG A 275 -2.21 4.50 1.35
N ALA A 276 -1.85 5.77 1.19
CA ALA A 276 -1.22 6.48 2.28
C ALA A 276 -2.03 7.48 3.12
N VAL A 277 -3.16 7.90 2.59
CA VAL A 277 -4.04 8.80 3.29
C VAL A 277 -5.39 8.11 3.37
N ALA A 278 -6.23 8.60 4.26
CA ALA A 278 -7.54 7.98 4.45
C ALA A 278 -8.44 7.83 3.23
N TYR A 279 -9.01 6.65 3.09
CA TYR A 279 -9.91 6.40 1.98
C TYR A 279 -11.12 7.31 2.02
N TYR A 280 -11.63 7.64 0.83
CA TYR A 280 -12.74 8.55 0.73
C TYR A 280 -13.61 8.25 -0.50
N GLY A 281 -14.56 7.36 -0.29
CA GLY A 281 -15.43 6.94 -1.37
C GLY A 281 -14.86 5.71 -2.08
N PRO A 282 -15.59 5.20 -3.05
CA PRO A 282 -15.12 4.03 -3.76
C PRO A 282 -14.02 4.29 -4.81
N GLY A 283 -13.67 5.56 -4.91
CA GLY A 283 -12.63 5.97 -5.83
C GLY A 283 -11.30 6.24 -5.16
N VAL A 284 -10.39 6.83 -5.91
CA VAL A 284 -9.07 7.12 -5.40
C VAL A 284 -8.98 8.51 -4.73
N ASP A 285 -10.11 9.19 -4.72
CA ASP A 285 -10.20 10.52 -4.17
C ASP A 285 -9.77 10.68 -2.71
N TYR A 286 -9.32 11.89 -2.39
CA TYR A 286 -8.92 12.20 -1.04
C TYR A 286 -9.61 13.46 -0.50
N LYS A 287 -9.80 13.45 0.81
CA LYS A 287 -10.47 14.54 1.47
C LYS A 287 -9.47 15.51 2.12
N ASP A 288 -9.85 16.77 2.13
CA ASP A 288 -9.01 17.79 2.73
C ASP A 288 -8.86 17.56 4.23
N GLY A 289 -7.65 17.75 4.70
CA GLY A 289 -7.35 17.59 6.11
C GLY A 289 -6.89 16.19 6.51
N THR A 290 -6.76 15.32 5.52
CA THR A 290 -6.32 13.97 5.79
C THR A 290 -5.04 13.68 4.98
N LEU A 291 -4.46 14.77 4.50
CA LEU A 291 -3.29 14.65 3.65
C LEU A 291 -1.87 14.65 4.24
N THR A 292 -1.80 14.43 5.53
CA THR A 292 -0.52 14.43 6.20
C THR A 292 -0.14 13.17 6.94
N PRO A 293 0.26 12.14 6.20
CA PRO A 293 0.59 10.88 6.85
C PRO A 293 1.88 10.78 7.64
N LEU A 294 2.80 11.69 7.37
CA LEU A 294 4.08 11.66 8.06
C LEU A 294 4.15 12.59 9.28
N SER A 295 4.92 12.17 10.27
CA SER A 295 5.10 12.94 11.47
C SER A 295 6.41 13.73 11.44
N THR A 296 6.67 14.43 12.53
CA THR A 296 7.88 15.23 12.62
C THR A 296 9.12 14.50 13.14
N LYS A 297 10.22 14.69 12.44
CA LYS A 297 11.47 14.06 12.83
C LYS A 297 12.64 14.80 12.15
N ASP A 298 13.56 15.24 12.99
CA ASP A 298 14.74 15.92 12.50
C ASP A 298 15.70 15.04 11.65
N LEU A 299 16.24 15.68 10.63
CA LEU A 299 17.16 15.02 9.74
C LEU A 299 18.41 14.38 10.40
N THR A 300 18.84 15.02 11.47
CA THR A 300 20.00 14.54 12.18
C THR A 300 19.76 13.96 13.59
N THR A 301 18.60 13.37 13.76
CA THR A 301 18.25 12.77 15.03
C THR A 301 17.88 11.31 14.78
N TYR A 302 18.51 10.43 15.53
CA TYR A 302 18.24 9.00 15.37
C TYR A 302 16.84 8.50 15.75
N ALA B 6 35.18 -2.69 -27.52
CA ALA B 6 35.90 -3.01 -28.81
C ALA B 6 35.54 -1.99 -29.91
N CYS B 7 34.30 -2.07 -30.36
CA CYS B 7 33.82 -1.16 -31.37
C CYS B 7 33.27 0.12 -30.73
N GLY B 8 33.15 0.08 -29.41
CA GLY B 8 32.66 1.22 -28.68
C GLY B 8 31.17 1.35 -28.49
N TYR B 9 30.48 0.23 -28.55
CA TYR B 9 29.03 0.25 -28.32
C TYR B 9 28.76 0.58 -26.85
N SER B 10 27.74 1.39 -26.63
CA SER B 10 27.42 1.84 -25.29
C SER B 10 25.96 1.85 -24.84
N ASP B 11 25.78 1.78 -23.54
CA ASP B 11 24.45 1.85 -22.96
C ASP B 11 23.90 3.29 -23.08
N ARG B 12 24.82 4.20 -23.28
CA ARG B 12 24.50 5.60 -23.39
C ARG B 12 24.07 6.06 -24.77
N VAL B 13 24.58 5.39 -25.79
CA VAL B 13 24.25 5.75 -27.16
C VAL B 13 23.29 4.75 -27.78
N LEU B 14 22.10 5.22 -28.10
CA LEU B 14 21.09 4.36 -28.70
C LEU B 14 20.37 4.94 -29.90
N GLN B 15 19.86 4.05 -30.73
CA GLN B 15 19.10 4.46 -31.89
C GLN B 15 17.82 3.61 -31.96
N LEU B 16 16.70 4.29 -32.01
CA LEU B 16 15.42 3.62 -32.06
C LEU B 16 14.70 3.93 -33.36
N THR B 17 14.32 2.89 -34.06
CA THR B 17 13.64 3.06 -35.34
C THR B 17 12.29 2.33 -35.44
N LEU B 18 11.27 3.11 -35.70
CA LEU B 18 9.93 2.57 -35.84
C LEU B 18 9.21 3.27 -36.99
N GLY B 19 8.72 2.47 -37.92
CA GLY B 19 8.02 3.00 -39.06
C GLY B 19 8.97 3.86 -39.88
N ASN B 20 8.58 5.11 -40.08
CA ASN B 20 9.43 6.02 -40.81
C ASN B 20 10.15 7.03 -39.91
N SER B 21 10.24 6.67 -38.64
CA SER B 21 10.89 7.54 -37.67
C SER B 21 12.08 6.92 -36.91
N THR B 22 13.06 7.76 -36.63
CA THR B 22 14.24 7.34 -35.93
C THR B 22 14.63 8.35 -34.86
N ILE B 23 14.98 7.84 -33.69
CA ILE B 23 15.41 8.67 -32.59
C ILE B 23 16.80 8.23 -32.20
N THR B 24 17.69 9.19 -32.02
CA THR B 24 19.03 8.88 -31.59
C THR B 24 19.24 9.53 -30.22
N THR B 25 20.22 9.01 -29.48
CA THR B 25 20.52 9.55 -28.18
C THR B 25 21.98 9.23 -27.84
N GLN B 26 22.65 10.22 -27.27
CA GLN B 26 24.03 10.04 -26.89
C GLN B 26 24.23 9.97 -25.38
N GLU B 27 23.16 10.27 -24.65
CA GLU B 27 23.22 10.21 -23.20
C GLU B 27 22.01 9.48 -22.63
N ALA B 28 21.96 8.19 -22.89
CA ALA B 28 20.88 7.37 -22.37
C ALA B 28 21.37 6.63 -21.13
N ALA B 29 20.43 6.07 -20.39
CA ALA B 29 20.77 5.31 -19.21
C ALA B 29 20.14 3.94 -19.44
N ASN B 30 20.52 3.33 -20.55
CA ASN B 30 19.94 2.06 -20.95
C ASN B 30 18.46 2.33 -21.18
N SER B 31 17.67 1.28 -21.18
CA SER B 31 16.24 1.44 -21.37
C SER B 31 15.43 0.40 -20.60
N VAL B 32 14.19 0.75 -20.32
CA VAL B 32 13.33 -0.15 -19.58
C VAL B 32 12.20 -0.83 -20.37
N VAL B 33 12.11 -2.14 -20.19
CA VAL B 33 11.06 -2.90 -20.82
C VAL B 33 10.18 -3.25 -19.62
N ALA B 34 9.12 -2.48 -19.45
CA ALA B 34 8.21 -2.68 -18.35
C ALA B 34 7.88 -4.14 -18.07
N TYR B 35 8.00 -4.52 -16.81
CA TYR B 35 7.72 -5.88 -16.41
C TYR B 35 8.37 -7.00 -17.26
N GLY B 36 9.44 -6.62 -17.94
CA GLY B 36 10.13 -7.54 -18.79
C GLY B 36 9.37 -8.13 -19.96
N ARG B 37 8.28 -7.46 -20.32
CA ARG B 37 7.44 -7.93 -21.40
C ARG B 37 7.43 -6.98 -22.58
N TRP B 38 7.91 -7.45 -23.72
CA TRP B 38 7.95 -6.64 -24.91
C TRP B 38 6.56 -6.68 -25.53
N PRO B 39 6.15 -5.59 -26.14
CA PRO B 39 4.83 -5.57 -26.77
C PRO B 39 4.60 -6.67 -27.79
N GLU B 40 3.38 -7.16 -27.86
CA GLU B 40 3.08 -8.23 -28.79
C GLU B 40 1.64 -8.19 -29.28
N TYR B 41 1.39 -8.85 -30.39
CA TYR B 41 0.03 -8.92 -30.91
C TYR B 41 -0.77 -9.97 -30.13
N LEU B 42 -2.07 -9.89 -30.25
CA LEU B 42 -2.94 -10.80 -29.55
C LEU B 42 -2.94 -12.24 -30.07
N ARG B 43 -2.50 -13.14 -29.20
CA ARG B 43 -2.45 -14.55 -29.54
C ARG B 43 -3.83 -15.21 -29.68
N ASP B 44 -3.92 -16.15 -30.59
CA ASP B 44 -5.15 -16.84 -30.83
C ASP B 44 -5.77 -17.48 -29.58
N SER B 45 -4.89 -18.01 -28.74
CA SER B 45 -5.32 -18.63 -27.50
C SER B 45 -5.92 -17.64 -26.49
N GLU B 46 -5.62 -16.38 -26.70
CA GLU B 46 -6.11 -15.33 -25.83
C GLU B 46 -7.11 -14.41 -26.48
N ALA B 47 -7.37 -14.64 -27.75
CA ALA B 47 -8.28 -13.81 -28.50
C ALA B 47 -9.71 -13.69 -27.95
N ASN B 48 -10.37 -12.63 -28.35
CA ASN B 48 -11.74 -12.43 -27.90
C ASN B 48 -12.76 -12.08 -28.97
N PRO B 49 -12.64 -10.89 -29.56
CA PRO B 49 -13.57 -10.57 -30.64
C PRO B 49 -13.26 -11.44 -31.85
N VAL B 50 -14.31 -11.89 -32.52
CA VAL B 50 -14.12 -12.80 -33.65
C VAL B 50 -13.76 -12.30 -35.03
N ASP B 51 -14.10 -11.04 -35.29
CA ASP B 51 -13.80 -10.46 -36.59
C ASP B 51 -12.32 -10.22 -36.83
N GLN B 52 -11.92 -10.28 -38.09
CA GLN B 52 -10.55 -10.05 -38.46
C GLN B 52 -10.10 -8.66 -38.02
N PRO B 53 -9.04 -8.61 -37.23
CA PRO B 53 -8.57 -7.34 -36.73
C PRO B 53 -7.77 -6.51 -37.74
N THR B 54 -7.75 -5.21 -37.53
CA THR B 54 -7.01 -4.32 -38.38
C THR B 54 -5.68 -4.06 -37.69
N GLU B 55 -4.61 -4.23 -38.42
CA GLU B 55 -3.28 -4.01 -37.86
C GLU B 55 -2.58 -2.99 -38.76
N PRO B 56 -2.62 -1.74 -38.33
CA PRO B 56 -2.03 -0.67 -39.14
C PRO B 56 -0.53 -0.73 -39.40
N ASP B 57 0.18 -1.40 -38.53
CA ASP B 57 1.62 -1.53 -38.68
C ASP B 57 2.34 -0.19 -38.75
N VAL B 58 3.17 -0.03 -39.76
CA VAL B 58 3.92 1.21 -39.91
C VAL B 58 3.16 2.52 -40.01
N ALA B 59 1.88 2.41 -40.32
CA ALA B 59 1.03 3.58 -40.43
C ALA B 59 0.76 4.20 -39.06
N ALA B 60 0.74 3.35 -38.05
CA ALA B 60 0.50 3.80 -36.70
C ALA B 60 1.67 3.56 -35.74
N CYS B 61 2.42 2.50 -36.02
CA CYS B 61 3.56 2.18 -35.19
C CYS B 61 4.79 3.02 -35.54
N ARG B 62 4.73 4.27 -35.12
CA ARG B 62 5.80 5.20 -35.39
C ARG B 62 5.85 6.28 -34.32
N PHE B 63 6.98 6.95 -34.22
CA PHE B 63 7.12 8.00 -33.21
C PHE B 63 6.40 9.33 -33.44
N TYR B 64 5.52 9.67 -32.52
CA TYR B 64 4.80 10.93 -32.59
C TYR B 64 5.25 11.83 -31.45
N THR B 65 5.59 13.05 -31.79
CA THR B 65 6.05 14.01 -30.81
C THR B 65 4.95 14.95 -30.31
N LEU B 66 4.67 14.85 -29.03
CA LEU B 66 3.66 15.69 -28.42
C LEU B 66 4.23 17.07 -28.14
N ASP B 67 3.35 17.99 -27.78
CA ASP B 67 3.77 19.35 -27.49
C ASP B 67 4.78 19.45 -26.33
N THR B 68 5.76 20.31 -26.52
CA THR B 68 6.79 20.48 -25.54
C THR B 68 6.42 21.37 -24.35
N VAL B 69 6.77 20.90 -23.17
CA VAL B 69 6.49 21.66 -21.96
C VAL B 69 7.78 22.30 -21.41
N SER B 70 7.59 23.19 -20.47
CA SER B 70 8.71 23.91 -19.88
C SER B 70 8.96 23.68 -18.39
N TRP B 71 10.17 23.23 -18.08
CA TRP B 71 10.52 22.97 -16.70
C TRP B 71 11.22 24.16 -16.03
N THR B 72 10.64 24.60 -14.94
CA THR B 72 11.19 25.72 -14.20
C THR B 72 11.31 25.34 -12.72
N LYS B 73 11.80 26.27 -11.93
CA LYS B 73 11.93 26.00 -10.50
C LYS B 73 10.62 25.69 -9.77
N GLU B 74 9.54 26.19 -10.34
CA GLU B 74 8.24 26.01 -9.75
C GLU B 74 7.33 24.92 -10.31
N SER B 75 7.85 24.20 -11.29
CA SER B 75 7.10 23.11 -11.88
C SER B 75 6.87 22.02 -10.85
N ARG B 76 5.63 21.56 -10.78
CA ARG B 76 5.28 20.54 -9.82
C ARG B 76 5.27 19.14 -10.44
N GLY B 77 4.99 19.10 -11.73
CA GLY B 77 4.95 17.84 -12.43
C GLY B 77 3.91 17.81 -13.56
N TRP B 78 3.97 16.78 -14.36
CA TRP B 78 3.06 16.66 -15.48
C TRP B 78 2.55 15.22 -15.65
N TRP B 79 1.43 15.10 -16.33
CA TRP B 79 0.84 13.80 -16.57
C TRP B 79 0.10 13.66 -17.91
N TRP B 80 0.11 12.46 -18.43
CA TRP B 80 -0.56 12.16 -19.66
C TRP B 80 -1.18 10.76 -19.58
N LYS B 81 -2.16 10.53 -20.45
CA LYS B 81 -2.81 9.23 -20.49
C LYS B 81 -2.66 8.59 -21.87
N LEU B 82 -2.50 7.28 -21.89
CA LEU B 82 -2.38 6.56 -23.13
C LEU B 82 -3.52 5.54 -23.22
N PRO B 83 -4.18 5.39 -24.38
CA PRO B 83 -3.88 6.09 -25.63
C PRO B 83 -4.35 7.52 -25.81
N ASP B 84 -4.95 8.08 -24.79
CA ASP B 84 -5.46 9.44 -24.87
C ASP B 84 -4.59 10.54 -25.49
N ALA B 85 -3.36 10.61 -25.03
CA ALA B 85 -2.43 11.61 -25.53
C ALA B 85 -2.20 11.56 -27.05
N LEU B 86 -2.29 10.37 -27.60
CA LEU B 86 -2.09 10.17 -29.01
C LEU B 86 -3.38 10.11 -29.79
N ARG B 87 -4.47 10.53 -29.17
CA ARG B 87 -5.76 10.47 -29.81
C ARG B 87 -5.89 11.19 -31.16
N ASP B 88 -5.09 12.22 -31.32
CA ASP B 88 -5.12 13.00 -32.54
C ASP B 88 -3.87 12.86 -33.43
N MET B 89 -3.15 11.79 -33.19
CA MET B 89 -1.94 11.54 -33.94
C MET B 89 -2.08 10.65 -35.19
N GLY B 90 -2.02 11.32 -36.33
CA GLY B 90 -2.11 10.63 -37.60
C GLY B 90 -3.08 9.46 -37.76
N LEU B 91 -2.58 8.40 -38.38
CA LEU B 91 -3.38 7.21 -38.58
C LEU B 91 -3.70 6.44 -37.30
N PHE B 92 -2.88 6.65 -36.28
CA PHE B 92 -3.13 5.99 -35.01
C PHE B 92 -4.44 6.52 -34.44
N GLY B 93 -4.58 7.83 -34.45
CA GLY B 93 -5.79 8.45 -33.98
C GLY B 93 -7.02 7.99 -34.75
N GLN B 94 -6.89 7.98 -36.05
CA GLN B 94 -7.99 7.56 -36.90
C GLN B 94 -8.43 6.12 -36.63
N ASN B 95 -7.48 5.21 -36.68
CA ASN B 95 -7.78 3.82 -36.42
C ASN B 95 -8.44 3.64 -35.05
N MET B 96 -8.06 4.49 -34.12
CA MET B 96 -8.62 4.46 -32.80
C MET B 96 -10.10 4.84 -32.77
N TYR B 97 -10.42 5.92 -33.46
CA TYR B 97 -11.81 6.36 -33.49
C TYR B 97 -12.80 5.55 -34.32
N TYR B 98 -12.29 4.90 -35.35
CA TYR B 98 -13.12 4.09 -36.20
C TYR B 98 -13.51 2.70 -35.67
N HIS B 99 -12.78 2.26 -34.66
CA HIS B 99 -13.05 0.95 -34.08
C HIS B 99 -13.54 0.99 -32.64
N TYR B 100 -14.39 0.03 -32.32
CA TYR B 100 -14.90 -0.10 -30.98
C TYR B 100 -13.86 -0.62 -30.00
N LEU B 101 -12.99 -1.48 -30.51
CA LEU B 101 -11.96 -2.06 -29.70
C LEU B 101 -10.54 -1.80 -30.22
N GLY B 102 -9.60 -1.71 -29.30
CA GLY B 102 -8.22 -1.49 -29.66
C GLY B 102 -7.24 -1.82 -28.54
N ARG B 103 -6.07 -2.28 -28.94
CA ARG B 103 -5.01 -2.58 -28.00
C ARG B 103 -3.70 -2.10 -28.58
N SER B 104 -2.83 -1.63 -27.72
CA SER B 104 -1.53 -1.14 -28.17
C SER B 104 -0.45 -1.03 -27.09
N GLY B 105 0.77 -1.32 -27.48
CA GLY B 105 1.90 -1.18 -26.58
C GLY B 105 2.55 0.11 -26.97
N TYR B 106 3.55 0.53 -26.20
CA TYR B 106 4.22 1.80 -26.50
C TYR B 106 5.72 1.90 -26.18
N THR B 107 6.37 2.80 -26.90
CA THR B 107 7.76 3.10 -26.63
C THR B 107 7.64 4.58 -26.31
N VAL B 108 7.86 4.91 -25.05
CA VAL B 108 7.78 6.28 -24.61
C VAL B 108 9.22 6.76 -24.42
N HIS B 109 9.53 7.90 -25.03
CA HIS B 109 10.85 8.46 -24.93
C HIS B 109 10.77 9.92 -24.49
N VAL B 110 11.13 10.15 -23.25
CA VAL B 110 11.11 11.49 -22.70
C VAL B 110 12.47 12.15 -22.85
N GLN B 111 12.47 13.34 -23.42
CA GLN B 111 13.69 14.05 -23.72
C GLN B 111 13.89 15.38 -23.00
N CYS B 112 15.05 15.55 -22.43
CA CYS B 112 15.37 16.78 -21.73
C CYS B 112 16.87 16.96 -21.44
N ASN B 113 17.47 17.85 -22.20
CA ASN B 113 18.88 18.13 -22.06
C ASN B 113 19.15 19.46 -21.38
N ALA B 114 20.35 19.61 -20.85
CA ALA B 114 20.74 20.83 -20.18
C ALA B 114 22.21 21.10 -20.43
N SER B 115 22.97 21.19 -19.35
CA SER B 115 24.41 21.41 -19.48
C SER B 115 25.13 20.79 -18.29
N LYS B 116 26.44 20.74 -18.38
CA LYS B 116 27.23 20.21 -17.28
C LYS B 116 27.16 21.13 -16.04
N PHE B 117 26.53 22.27 -16.25
CA PHE B 117 26.36 23.24 -15.20
C PHE B 117 24.97 23.37 -14.57
N HIS B 118 24.04 22.63 -15.09
CA HIS B 118 22.69 22.61 -14.54
C HIS B 118 22.55 21.41 -13.61
N GLN B 119 21.46 21.40 -12.86
CA GLN B 119 21.19 20.26 -11.98
C GLN B 119 19.70 20.02 -11.77
N GLY B 120 19.35 18.79 -11.49
CA GLY B 120 17.97 18.43 -11.27
C GLY B 120 17.70 16.99 -11.70
N ALA B 121 16.58 16.46 -11.23
CA ALA B 121 16.22 15.09 -11.56
C ALA B 121 14.72 14.89 -11.76
N LEU B 122 14.37 14.27 -12.85
CA LEU B 122 12.98 14.01 -13.16
C LEU B 122 12.68 12.52 -13.06
N GLY B 123 11.59 12.19 -12.40
CA GLY B 123 11.17 10.81 -12.29
C GLY B 123 10.14 10.60 -13.37
N VAL B 124 10.39 9.67 -14.27
CA VAL B 124 9.45 9.38 -15.33
C VAL B 124 8.83 8.03 -15.00
N PHE B 125 7.55 8.06 -14.68
CA PHE B 125 6.85 6.85 -14.30
C PHE B 125 5.71 6.43 -15.22
N ALA B 126 5.67 5.15 -15.54
CA ALA B 126 4.60 4.62 -16.36
C ALA B 126 3.73 3.79 -15.41
N VAL B 127 2.52 4.26 -15.19
CA VAL B 127 1.62 3.61 -14.27
C VAL B 127 0.44 2.93 -14.91
N PRO B 128 0.30 1.63 -14.69
CA PRO B 128 -0.86 0.94 -15.27
C PRO B 128 -2.09 1.43 -14.53
N GLU B 129 -3.17 1.67 -15.27
CA GLU B 129 -4.39 2.15 -14.67
C GLU B 129 -4.17 3.32 -13.71
N MET B 130 -3.61 4.39 -14.25
CA MET B 130 -3.32 5.55 -13.43
C MET B 130 -4.51 6.45 -13.12
N CYS B 131 -5.34 5.98 -12.21
CA CYS B 131 -6.50 6.74 -11.80
C CYS B 131 -6.07 7.89 -10.91
N LEU B 132 -6.49 9.08 -11.27
CA LEU B 132 -6.13 10.25 -10.47
C LEU B 132 -7.29 10.78 -9.62
N ALA B 133 -6.94 11.40 -8.51
CA ALA B 133 -7.94 11.93 -7.61
C ALA B 133 -8.61 13.21 -8.10
N GLY B 134 -9.88 13.35 -7.77
CA GLY B 134 -10.63 14.52 -8.17
C GLY B 134 -10.42 15.77 -7.32
N ASP B 135 -11.20 16.79 -7.61
CA ASP B 135 -11.07 18.05 -6.89
C ASP B 135 -12.18 18.47 -5.93
N SER B 136 -13.12 17.56 -5.71
CA SER B 136 -14.23 17.87 -4.83
C SER B 136 -14.25 17.13 -3.48
N ASN B 137 -14.74 17.84 -2.48
CA ASN B 137 -14.92 17.25 -1.18
C ASN B 137 -16.42 17.07 -0.92
N THR B 138 -17.16 17.11 -2.01
CA THR B 138 -18.59 16.94 -1.95
C THR B 138 -19.09 15.79 -2.85
N THR B 139 -18.25 15.44 -3.80
CA THR B 139 -18.60 14.36 -4.71
C THR B 139 -17.35 13.54 -5.09
N THR B 140 -17.52 12.24 -5.10
CA THR B 140 -16.43 11.36 -5.46
C THR B 140 -16.57 10.87 -6.90
N MET B 141 -15.44 10.53 -7.49
CA MET B 141 -15.43 10.03 -8.85
C MET B 141 -16.17 10.90 -9.86
N HIS B 142 -16.09 12.20 -9.64
CA HIS B 142 -16.83 13.14 -10.45
C HIS B 142 -16.17 13.93 -11.59
N THR B 143 -14.88 13.74 -11.73
CA THR B 143 -14.15 14.36 -12.81
C THR B 143 -14.77 13.94 -14.14
N SER B 144 -15.06 14.92 -14.96
CA SER B 144 -15.68 14.65 -16.25
C SER B 144 -14.79 14.08 -17.34
N TYR B 145 -15.41 13.46 -18.32
CA TYR B 145 -14.64 12.89 -19.42
C TYR B 145 -13.64 13.84 -20.09
N GLN B 146 -14.11 15.06 -20.29
CA GLN B 146 -13.30 16.09 -20.89
C GLN B 146 -12.04 16.38 -20.09
N ASN B 147 -12.24 16.58 -18.80
CA ASN B 147 -11.12 16.86 -17.92
C ASN B 147 -10.22 15.65 -17.67
N ALA B 148 -10.81 14.47 -17.75
CA ALA B 148 -10.06 13.26 -17.56
C ALA B 148 -9.16 12.95 -18.77
N ASN B 149 -9.55 13.50 -19.90
CA ASN B 149 -8.80 13.29 -21.12
C ASN B 149 -8.35 14.59 -21.80
N PRO B 150 -7.20 15.07 -21.39
CA PRO B 150 -6.68 16.30 -21.98
C PRO B 150 -5.96 16.17 -23.32
N GLY B 151 -5.74 14.95 -23.76
CA GLY B 151 -5.07 14.72 -25.02
C GLY B 151 -3.56 14.90 -24.96
N GLU B 152 -3.02 15.54 -25.98
CA GLU B 152 -1.59 15.75 -26.04
C GLU B 152 -0.98 16.78 -25.09
N LYS B 153 -1.81 17.71 -24.68
CA LYS B 153 -1.33 18.74 -23.75
C LYS B 153 -1.09 18.21 -22.33
N GLY B 154 -1.83 17.16 -22.01
CA GLY B 154 -1.73 16.57 -20.69
C GLY B 154 -2.20 17.48 -19.56
N GLY B 155 -1.85 17.10 -18.35
CA GLY B 155 -2.21 17.89 -17.19
C GLY B 155 -1.01 18.11 -16.29
N THR B 156 -1.27 18.72 -15.14
CA THR B 156 -0.19 19.00 -14.20
C THR B 156 -0.50 18.62 -12.75
N PHE B 157 0.54 18.29 -12.02
CA PHE B 157 0.38 17.98 -10.62
C PHE B 157 0.42 19.29 -9.86
N THR B 158 0.02 19.23 -8.60
CA THR B 158 0.04 20.41 -7.76
C THR B 158 0.58 20.11 -6.35
N GLY B 159 1.07 21.16 -5.72
CA GLY B 159 1.63 21.04 -4.39
C GLY B 159 0.64 21.20 -3.25
N THR B 160 -0.55 21.66 -3.57
CA THR B 160 -1.57 21.86 -2.56
C THR B 160 -2.97 21.45 -3.02
N PHE B 161 -3.66 20.73 -2.16
CA PHE B 161 -5.02 20.33 -2.49
C PHE B 161 -5.98 21.50 -2.23
N THR B 162 -6.71 21.84 -3.27
CA THR B 162 -7.66 22.92 -3.19
C THR B 162 -9.02 22.37 -3.60
N PRO B 163 -9.88 22.19 -2.62
CA PRO B 163 -11.20 21.65 -2.92
C PRO B 163 -12.08 22.61 -3.72
N ASP B 164 -12.82 22.05 -4.66
CA ASP B 164 -13.72 22.85 -5.46
C ASP B 164 -14.97 23.12 -4.62
N ASN B 165 -15.20 24.39 -4.37
CA ASN B 165 -16.35 24.78 -3.56
C ASN B 165 -17.61 25.26 -4.28
N ASN B 166 -17.50 25.41 -5.59
CA ASN B 166 -18.64 25.82 -6.38
C ASN B 166 -19.55 24.60 -6.66
N GLN B 167 -20.59 24.51 -5.85
CA GLN B 167 -21.52 23.42 -5.98
C GLN B 167 -22.64 23.68 -7.02
N THR B 168 -22.61 24.89 -7.54
CA THR B 168 -23.55 25.29 -8.56
C THR B 168 -23.06 24.68 -9.89
N SER B 169 -21.84 25.04 -10.23
CA SER B 169 -21.22 24.54 -11.44
C SER B 169 -19.81 24.03 -11.11
N PRO B 170 -19.76 22.81 -10.61
CA PRO B 170 -18.46 22.24 -10.27
C PRO B 170 -17.48 22.11 -11.46
N ALA B 171 -16.22 22.34 -11.15
CA ALA B 171 -15.18 22.25 -12.15
C ALA B 171 -14.95 20.83 -12.70
N ARG B 172 -15.28 19.87 -11.86
CA ARG B 172 -15.16 18.49 -12.22
C ARG B 172 -13.83 18.01 -12.80
N ARG B 173 -12.76 18.52 -12.21
CA ARG B 173 -11.43 18.15 -12.67
C ARG B 173 -10.55 17.47 -11.62
N PHE B 174 -9.44 16.94 -12.08
CA PHE B 174 -8.51 16.30 -11.16
C PHE B 174 -7.77 17.37 -10.36
N CYS B 175 -7.31 16.99 -9.18
CA CYS B 175 -6.52 17.88 -8.37
C CYS B 175 -5.44 16.95 -7.82
N PRO B 176 -4.48 16.62 -8.67
CA PRO B 176 -3.47 15.66 -8.28
C PRO B 176 -2.31 16.23 -7.48
N VAL B 177 -2.22 15.83 -6.23
CA VAL B 177 -1.16 16.32 -5.37
C VAL B 177 0.14 15.48 -5.55
N ASP B 178 1.19 16.21 -5.89
CA ASP B 178 2.46 15.59 -6.16
C ASP B 178 3.06 14.52 -5.25
N TYR B 179 3.23 14.87 -4.00
CA TYR B 179 3.80 13.91 -3.05
C TYR B 179 2.87 12.70 -2.84
N LEU B 180 1.63 12.90 -3.25
CA LEU B 180 0.65 11.84 -3.18
C LEU B 180 0.46 11.17 -4.54
N LEU B 181 1.39 11.44 -5.43
CA LEU B 181 1.35 10.89 -6.77
C LEU B 181 -0.03 11.10 -7.44
N GLY B 182 -0.76 12.03 -6.85
CA GLY B 182 -2.07 12.35 -7.32
C GLY B 182 -3.18 11.33 -7.10
N ASN B 183 -2.87 10.29 -6.36
CA ASN B 183 -3.83 9.23 -6.11
C ASN B 183 -3.85 8.69 -4.69
N GLY B 184 -3.37 9.49 -3.77
CA GLY B 184 -3.33 9.11 -2.37
C GLY B 184 -2.32 8.08 -1.88
N THR B 185 -1.20 8.02 -2.58
CA THR B 185 -0.14 7.11 -2.22
C THR B 185 1.11 7.95 -2.20
N LEU B 186 2.05 7.61 -1.34
CA LEU B 186 3.29 8.39 -1.29
C LEU B 186 4.24 8.26 -2.49
N LEU B 187 4.63 9.41 -3.01
CA LEU B 187 5.51 9.45 -4.15
C LEU B 187 6.75 8.56 -4.06
N GLY B 188 7.37 8.60 -2.89
CA GLY B 188 8.55 7.80 -2.65
C GLY B 188 8.44 6.32 -2.99
N ASN B 189 7.22 5.87 -3.21
CA ASN B 189 6.98 4.49 -3.56
C ASN B 189 6.76 4.24 -5.05
N ALA B 190 6.49 5.31 -5.77
CA ALA B 190 6.25 5.21 -7.19
C ALA B 190 7.24 4.33 -7.98
N PHE B 191 8.41 4.17 -7.39
CA PHE B 191 9.45 3.38 -8.00
C PHE B 191 9.12 1.91 -8.22
N VAL B 192 7.94 1.53 -7.75
CA VAL B 192 7.47 0.18 -7.95
C VAL B 192 6.90 0.03 -9.37
N PHE B 193 6.61 1.17 -9.97
CA PHE B 193 6.14 1.19 -11.34
C PHE B 193 7.33 1.29 -12.27
N PRO B 194 7.17 0.78 -13.47
CA PRO B 194 8.28 0.86 -14.44
C PRO B 194 8.68 2.32 -14.58
N HIS B 195 9.96 2.59 -14.41
CA HIS B 195 10.43 3.97 -14.46
C HIS B 195 11.92 4.19 -14.76
N GLN B 196 12.25 5.44 -15.01
CA GLN B 196 13.61 5.85 -15.20
C GLN B 196 13.70 7.25 -14.60
N ILE B 197 14.90 7.68 -14.30
CA ILE B 197 15.11 9.00 -13.75
C ILE B 197 16.05 9.76 -14.67
N ILE B 198 15.64 10.95 -15.06
CA ILE B 198 16.48 11.79 -15.89
C ILE B 198 17.20 12.74 -14.92
N ASN B 199 18.42 12.38 -14.61
CA ASN B 199 19.23 13.17 -13.71
C ASN B 199 20.19 13.90 -14.64
N LEU B 200 20.08 15.22 -14.64
CA LEU B 200 20.90 16.02 -15.54
C LEU B 200 22.39 15.78 -15.70
N ARG B 201 23.04 15.46 -14.59
CA ARG B 201 24.47 15.17 -14.65
C ARG B 201 24.81 13.86 -15.38
N THR B 202 23.83 12.97 -15.43
CA THR B 202 24.03 11.68 -16.02
C THR B 202 23.47 11.48 -17.42
N ASN B 203 22.17 11.62 -17.54
CA ASN B 203 21.51 11.39 -18.81
C ASN B 203 20.53 12.49 -19.23
N ASN B 204 20.15 12.47 -20.50
CA ASN B 204 19.23 13.45 -21.01
C ASN B 204 17.94 12.88 -21.60
N CYS B 205 17.66 11.64 -21.24
CA CYS B 205 16.46 10.98 -21.75
C CYS B 205 16.03 9.71 -21.00
N ALA B 206 14.77 9.39 -21.13
CA ALA B 206 14.23 8.21 -20.51
C ALA B 206 13.50 7.41 -21.57
N THR B 207 13.72 6.12 -21.57
CA THR B 207 13.08 5.25 -22.55
C THR B 207 12.37 4.09 -21.88
N LEU B 208 11.05 4.04 -22.07
CA LEU B 208 10.25 3.00 -21.48
C LEU B 208 9.42 2.27 -22.53
N VAL B 209 9.68 0.99 -22.68
CA VAL B 209 8.94 0.19 -23.62
C VAL B 209 7.85 -0.46 -22.78
N LEU B 210 6.62 -0.16 -23.10
CA LEU B 210 5.50 -0.67 -22.34
C LEU B 210 4.59 -1.63 -23.08
N PRO B 211 4.33 -2.78 -22.48
CA PRO B 211 3.44 -3.74 -23.12
C PRO B 211 2.01 -3.35 -22.85
N TYR B 212 1.09 -3.93 -23.60
CA TYR B 212 -0.33 -3.64 -23.36
C TYR B 212 -0.71 -4.34 -22.05
N VAL B 213 -1.20 -3.54 -21.12
CA VAL B 213 -1.58 -4.09 -19.82
C VAL B 213 -3.03 -3.76 -19.45
N ASN B 214 -3.82 -4.81 -19.30
CA ASN B 214 -5.21 -4.65 -18.95
C ASN B 214 -5.82 -5.99 -18.53
N SER B 215 -6.94 -5.91 -17.85
CA SER B 215 -7.63 -7.09 -17.39
C SER B 215 -8.34 -7.88 -18.50
N LEU B 216 -8.29 -7.33 -19.70
CA LEU B 216 -8.91 -7.94 -20.85
C LEU B 216 -7.90 -8.03 -21.98
N SER B 217 -8.20 -8.85 -22.96
CA SER B 217 -7.32 -8.98 -24.11
C SER B 217 -7.33 -7.72 -24.98
N ILE B 218 -8.52 -7.17 -25.15
CA ILE B 218 -8.68 -5.95 -25.92
C ILE B 218 -9.81 -5.18 -25.26
N ASP B 219 -9.73 -3.87 -25.34
CA ASP B 219 -10.75 -3.03 -24.72
C ASP B 219 -11.01 -1.75 -25.51
N SER B 220 -11.99 -0.99 -25.06
CA SER B 220 -12.34 0.25 -25.71
C SER B 220 -11.30 1.32 -25.40
N MET B 221 -10.64 1.79 -26.43
CA MET B 221 -9.63 2.82 -26.24
C MET B 221 -10.16 4.21 -25.93
N VAL B 222 -11.34 4.49 -26.44
CA VAL B 222 -11.94 5.79 -26.23
C VAL B 222 -12.47 5.99 -24.81
N LYS B 223 -12.79 4.88 -24.16
CA LYS B 223 -13.29 4.95 -22.81
C LYS B 223 -12.24 4.77 -21.71
N HIS B 224 -11.28 3.91 -21.99
CA HIS B 224 -10.28 3.56 -21.00
C HIS B 224 -8.79 3.66 -21.38
N ASN B 225 -8.06 4.33 -20.52
CA ASN B 225 -6.64 4.50 -20.70
C ASN B 225 -5.84 3.45 -19.93
N ASN B 226 -5.08 2.68 -20.67
CA ASN B 226 -4.29 1.62 -20.10
C ASN B 226 -3.15 2.12 -19.21
N TRP B 227 -2.36 3.01 -19.78
CA TRP B 227 -1.22 3.55 -19.07
C TRP B 227 -1.29 5.06 -18.79
N GLY B 228 -0.50 5.48 -17.83
CA GLY B 228 -0.42 6.88 -17.49
C GLY B 228 1.05 7.24 -17.30
N ILE B 229 1.44 8.35 -17.88
CA ILE B 229 2.82 8.81 -17.79
C ILE B 229 2.90 9.98 -16.84
N ALA B 230 3.64 9.79 -15.75
CA ALA B 230 3.80 10.84 -14.77
C ALA B 230 5.27 11.27 -14.64
N ILE B 231 5.48 12.56 -14.82
CA ILE B 231 6.80 13.13 -14.73
C ILE B 231 6.85 14.17 -13.62
N LEU B 232 7.61 13.86 -12.58
CA LEU B 232 7.74 14.78 -11.46
C LEU B 232 9.19 15.05 -11.11
N PRO B 233 9.46 16.30 -10.73
CA PRO B 233 10.83 16.64 -10.37
C PRO B 233 11.30 16.17 -8.99
N LEU B 234 12.04 15.09 -8.99
CA LEU B 234 12.55 14.53 -7.75
C LEU B 234 13.47 15.56 -7.07
N ALA B 235 14.32 16.15 -7.87
CA ALA B 235 15.22 17.17 -7.40
C ALA B 235 14.95 18.37 -8.29
N PRO B 236 14.76 19.53 -7.67
CA PRO B 236 14.42 20.72 -8.45
C PRO B 236 15.49 21.30 -9.38
N LEU B 237 15.03 22.00 -10.38
CA LEU B 237 15.93 22.61 -11.34
C LEU B 237 16.77 23.77 -10.79
N ASN B 238 18.05 23.70 -11.08
CA ASN B 238 18.98 24.72 -10.67
C ASN B 238 20.10 24.94 -11.70
N PHE B 239 20.35 26.21 -11.97
CA PHE B 239 21.39 26.56 -12.92
C PHE B 239 22.27 27.73 -12.47
N ALA B 240 23.57 27.49 -12.53
CA ALA B 240 24.54 28.47 -12.12
C ALA B 240 24.14 29.10 -10.78
N SER B 241 23.73 30.36 -10.87
CA SER B 241 23.27 31.07 -9.70
C SER B 241 22.05 31.88 -10.17
N GLU B 242 21.37 31.32 -11.15
CA GLU B 242 20.22 31.97 -11.74
C GLU B 242 18.94 31.65 -10.95
N SER B 243 18.11 32.67 -10.83
CA SER B 243 16.86 32.51 -10.11
C SER B 243 15.71 31.91 -10.91
N SER B 244 15.80 32.06 -12.23
CA SER B 244 14.77 31.55 -13.10
C SER B 244 15.23 30.78 -14.33
N PRO B 245 15.85 29.62 -14.08
CA PRO B 245 16.28 28.81 -15.22
C PRO B 245 15.10 28.05 -15.84
N GLU B 246 15.26 27.71 -17.10
CA GLU B 246 14.22 26.99 -17.81
C GLU B 246 14.83 26.03 -18.83
N ILE B 247 14.30 24.82 -18.85
CA ILE B 247 14.72 23.84 -19.84
C ILE B 247 13.49 23.09 -20.29
N PRO B 248 13.38 22.88 -21.59
CA PRO B 248 12.22 22.14 -22.10
C PRO B 248 12.24 20.61 -21.96
N ILE B 249 11.06 20.04 -21.89
CA ILE B 249 10.91 18.61 -21.79
C ILE B 249 9.99 18.20 -22.94
N THR B 250 10.44 17.22 -23.71
CA THR B 250 9.66 16.78 -24.85
C THR B 250 9.36 15.28 -24.84
N LEU B 251 8.14 14.93 -25.15
CA LEU B 251 7.75 13.54 -25.22
C LEU B 251 7.51 13.06 -26.65
N THR B 252 7.99 11.86 -26.94
CA THR B 252 7.79 11.26 -28.24
C THR B 252 7.33 9.85 -27.93
N ILE B 253 6.15 9.50 -28.41
CA ILE B 253 5.58 8.20 -28.13
C ILE B 253 5.23 7.43 -29.39
N ALA B 254 5.56 6.16 -29.40
CA ALA B 254 5.27 5.31 -30.53
C ALA B 254 4.46 4.10 -30.16
N PRO B 255 3.27 3.99 -30.74
CA PRO B 255 2.45 2.80 -30.48
C PRO B 255 3.15 1.59 -31.07
N MET B 256 2.93 0.43 -30.46
CA MET B 256 3.55 -0.78 -30.95
C MET B 256 2.58 -1.95 -30.95
N CYS B 257 2.66 -2.76 -32.00
CA CYS B 257 1.80 -3.91 -32.13
C CYS B 257 0.33 -3.63 -31.85
N CYS B 258 -0.15 -2.54 -32.40
CA CYS B 258 -1.54 -2.16 -32.20
C CYS B 258 -2.51 -2.82 -33.17
N GLU B 259 -3.59 -3.36 -32.63
CA GLU B 259 -4.60 -3.99 -33.45
C GLU B 259 -5.98 -3.53 -33.02
N PHE B 260 -6.89 -3.50 -33.98
CA PHE B 260 -8.24 -3.02 -33.70
C PHE B 260 -9.35 -3.90 -34.26
N ASN B 261 -10.43 -3.99 -33.51
CA ASN B 261 -11.58 -4.76 -33.95
C ASN B 261 -12.88 -3.97 -33.87
N GLY B 262 -13.89 -4.48 -34.56
CA GLY B 262 -15.18 -3.86 -34.56
C GLY B 262 -15.20 -2.49 -35.24
N LEU B 263 -15.06 -2.51 -36.55
CA LEU B 263 -15.08 -1.28 -37.32
C LEU B 263 -16.52 -0.81 -37.51
N ARG B 264 -16.69 0.50 -37.53
CA ARG B 264 -18.01 1.08 -37.69
C ARG B 264 -17.77 2.46 -38.30
N ASN B 265 -18.67 3.37 -37.97
CA ASN B 265 -18.52 4.75 -38.40
C ASN B 265 -17.68 5.41 -37.32
N ILE B 266 -17.16 6.58 -37.62
CA ILE B 266 -16.30 7.28 -36.68
C ILE B 266 -16.88 7.89 -35.41
N THR B 267 -16.21 7.59 -34.30
CA THR B 267 -16.62 8.12 -33.02
C THR B 267 -16.22 9.58 -32.98
N LEU B 268 -17.19 10.43 -32.65
CA LEU B 268 -16.93 11.85 -32.56
C LEU B 268 -17.19 12.30 -31.13
N PRO B 269 -16.17 12.20 -30.31
CA PRO B 269 -16.35 12.51 -28.89
C PRO B 269 -16.53 13.98 -28.55
N ARG B 270 -17.16 14.23 -27.42
CA ARG B 270 -17.31 15.58 -26.92
C ARG B 270 -16.06 15.81 -26.06
N LEU B 271 -15.14 16.59 -26.61
CA LEU B 271 -13.88 16.82 -25.92
C LEU B 271 -13.75 18.10 -25.08
N GLN B 272 -14.75 18.94 -25.21
CA GLN B 272 -14.76 20.19 -24.48
C GLN B 272 -16.02 20.38 -23.64
N GLY C 1 -25.53 -44.68 11.91
CA GLY C 1 -24.39 -43.92 11.33
C GLY C 1 -23.09 -44.16 12.06
N LEU C 2 -22.00 -43.77 11.43
CA LEU C 2 -20.69 -43.92 12.01
C LEU C 2 -20.59 -43.21 13.35
N PRO C 3 -20.29 -43.96 14.39
CA PRO C 3 -20.16 -43.33 15.70
C PRO C 3 -19.02 -42.31 15.70
N VAL C 4 -19.37 -41.09 16.08
CA VAL C 4 -18.40 -40.02 16.12
C VAL C 4 -18.48 -39.24 17.42
N MET C 5 -17.42 -38.52 17.73
CA MET C 5 -17.41 -37.72 18.94
C MET C 5 -16.81 -36.34 18.69
N ASN C 6 -17.55 -35.32 19.07
CA ASN C 6 -17.09 -33.95 18.85
C ASN C 6 -15.97 -33.50 19.79
N THR C 7 -14.95 -32.91 19.21
CA THR C 7 -13.82 -32.44 19.98
C THR C 7 -13.93 -30.96 20.22
N PRO C 8 -13.12 -30.43 21.13
CA PRO C 8 -13.14 -28.98 21.33
C PRO C 8 -12.77 -28.25 20.04
N GLY C 9 -13.34 -27.08 19.87
CA GLY C 9 -13.10 -26.30 18.67
C GLY C 9 -14.23 -26.48 17.68
N SER C 10 -15.12 -27.41 17.99
CA SER C 10 -16.25 -27.66 17.12
C SER C 10 -17.16 -26.44 17.06
N ASN C 11 -17.57 -26.10 15.85
CA ASN C 11 -18.44 -24.96 15.64
C ASN C 11 -17.83 -23.55 15.69
N GLN C 12 -16.55 -23.49 15.95
CA GLN C 12 -15.87 -22.21 16.02
C GLN C 12 -15.50 -21.70 14.62
N TYR C 13 -15.35 -20.38 14.52
CA TYR C 13 -14.93 -19.78 13.28
C TYR C 13 -13.59 -19.08 13.43
N LEU C 14 -12.54 -19.77 13.04
CA LEU C 14 -11.21 -19.19 13.10
C LEU C 14 -10.98 -18.54 11.75
N THR C 15 -10.78 -17.24 11.77
CA THR C 15 -10.59 -16.50 10.53
C THR C 15 -9.36 -16.94 9.69
N ALA C 16 -8.50 -17.69 10.34
CA ALA C 16 -7.31 -18.18 9.67
C ALA C 16 -7.37 -19.63 9.22
N ASP C 17 -8.56 -20.20 9.33
CA ASP C 17 -8.75 -21.58 8.93
C ASP C 17 -8.65 -21.80 7.42
N ASN C 18 -8.56 -23.07 7.04
CA ASN C 18 -8.43 -23.42 5.65
C ASN C 18 -9.24 -24.70 5.38
N PHE C 19 -10.54 -24.51 5.31
CA PHE C 19 -11.42 -25.63 5.06
C PHE C 19 -12.19 -25.55 3.74
N GLN C 20 -12.77 -26.68 3.35
CA GLN C 20 -13.56 -26.74 2.15
C GLN C 20 -14.95 -26.24 2.51
N SER C 21 -15.66 -25.74 1.52
CA SER C 21 -17.01 -25.25 1.74
C SER C 21 -17.84 -25.32 0.48
N PRO C 22 -19.14 -25.53 0.63
CA PRO C 22 -19.98 -25.68 -0.55
C PRO C 22 -20.02 -24.50 -1.50
N CYS C 23 -20.04 -24.78 -2.78
CA CYS C 23 -20.05 -23.72 -3.78
C CYS C 23 -21.47 -23.22 -4.07
N ALA C 24 -21.61 -21.91 -4.03
CA ALA C 24 -22.90 -21.30 -4.30
C ALA C 24 -23.31 -21.22 -5.75
N LEU C 25 -22.35 -21.41 -6.63
CA LEU C 25 -22.64 -21.37 -8.06
C LEU C 25 -22.00 -22.55 -8.77
N PRO C 26 -22.64 -23.70 -8.65
CA PRO C 26 -22.09 -24.90 -9.27
C PRO C 26 -22.07 -24.90 -10.81
N GLU C 27 -21.02 -25.49 -11.34
CA GLU C 27 -20.85 -25.57 -12.78
C GLU C 27 -20.72 -24.23 -13.52
N PHE C 28 -20.30 -23.22 -12.79
CA PHE C 28 -20.11 -21.91 -13.38
C PHE C 28 -18.99 -21.95 -14.41
N ASP C 29 -19.22 -21.28 -15.52
CA ASP C 29 -18.22 -21.26 -16.58
C ASP C 29 -17.20 -20.13 -16.36
N VAL C 30 -16.20 -20.44 -15.55
CA VAL C 30 -15.18 -19.47 -15.22
C VAL C 30 -14.35 -19.00 -16.42
N THR C 31 -14.07 -17.71 -16.42
CA THR C 31 -13.29 -17.12 -17.49
C THR C 31 -11.81 -17.42 -17.30
N PRO C 32 -11.18 -17.94 -18.33
CA PRO C 32 -9.76 -18.29 -18.21
C PRO C 32 -8.85 -17.09 -18.04
N PRO C 33 -7.70 -17.30 -17.42
CA PRO C 33 -6.77 -16.19 -17.25
C PRO C 33 -5.99 -15.91 -18.53
N ILE C 34 -5.43 -14.73 -18.61
CA ILE C 34 -4.60 -14.38 -19.75
C ILE C 34 -3.24 -14.05 -19.16
N ASP C 35 -2.23 -14.01 -20.01
CA ASP C 35 -0.89 -13.70 -19.55
C ASP C 35 -0.71 -12.17 -19.43
N ILE C 36 -1.14 -11.66 -18.29
CA ILE C 36 -1.03 -10.25 -18.01
C ILE C 36 0.38 -10.06 -17.51
N PRO C 37 1.03 -9.01 -17.97
CA PRO C 37 2.39 -8.75 -17.52
C PRO C 37 2.46 -8.30 -16.06
N GLY C 38 3.53 -8.68 -15.40
CA GLY C 38 3.74 -8.29 -14.03
C GLY C 38 3.12 -9.03 -12.86
N GLU C 39 3.07 -10.35 -12.96
CA GLU C 39 2.52 -11.14 -11.87
C GLU C 39 3.49 -11.19 -10.68
N VAL C 40 2.92 -11.08 -9.50
CA VAL C 40 3.69 -11.13 -8.29
C VAL C 40 3.41 -12.45 -7.57
N LYS C 41 4.45 -13.11 -7.12
CA LYS C 41 4.30 -14.37 -6.44
C LYS C 41 4.49 -14.30 -4.93
N ASN C 42 5.25 -13.31 -4.49
CA ASN C 42 5.53 -13.15 -3.09
C ASN C 42 5.75 -11.69 -2.75
N MET C 43 5.32 -11.30 -1.56
CA MET C 43 5.48 -9.93 -1.13
C MET C 43 6.90 -9.41 -1.06
N MET C 44 7.81 -10.30 -0.70
CA MET C 44 9.21 -9.93 -0.63
C MET C 44 9.82 -9.45 -1.94
N GLU C 45 9.16 -9.79 -3.04
CA GLU C 45 9.61 -9.34 -4.34
C GLU C 45 9.45 -7.83 -4.39
N LEU C 46 8.40 -7.34 -3.77
CA LEU C 46 8.17 -5.91 -3.72
C LEU C 46 9.11 -5.18 -2.78
N ALA C 47 9.52 -5.88 -1.75
CA ALA C 47 10.46 -5.34 -0.79
C ALA C 47 11.86 -5.17 -1.37
N GLU C 48 12.14 -5.97 -2.39
CA GLU C 48 13.43 -5.89 -3.04
C GLU C 48 13.60 -4.75 -4.04
N ILE C 49 12.52 -4.02 -4.26
CA ILE C 49 12.56 -2.89 -5.17
C ILE C 49 12.95 -1.64 -4.41
N ASP C 50 13.87 -0.89 -4.98
CA ASP C 50 14.30 0.35 -4.36
C ASP C 50 13.18 1.39 -4.32
N THR C 51 13.01 2.00 -3.17
CA THR C 51 12.01 3.04 -3.01
C THR C 51 12.63 4.20 -2.24
N MET C 52 12.20 5.40 -2.59
CA MET C 52 12.75 6.60 -1.99
C MET C 52 12.35 6.90 -0.54
N ILE C 53 13.34 7.29 0.23
CA ILE C 53 13.15 7.56 1.63
C ILE C 53 12.88 9.04 1.88
N PRO C 54 11.88 9.31 2.70
CA PRO C 54 11.59 10.70 3.04
C PRO C 54 12.44 11.13 4.24
N PHE C 55 13.72 11.30 3.99
CA PHE C 55 14.65 11.67 5.04
C PHE C 55 14.42 12.88 5.91
N ASP C 56 14.04 13.97 5.27
CA ASP C 56 13.85 15.22 6.01
C ASP C 56 12.41 15.50 6.43
N LEU C 57 12.05 14.96 7.58
CA LEU C 57 10.71 15.14 8.09
C LEU C 57 10.57 16.30 9.06
N SER C 58 11.19 17.42 8.71
CA SER C 58 11.08 18.60 9.55
C SER C 58 9.66 19.15 9.50
N ALA C 59 9.33 19.98 10.46
CA ALA C 59 7.99 20.55 10.53
C ALA C 59 7.41 21.18 9.25
N THR C 60 8.30 21.80 8.49
CA THR C 60 7.91 22.43 7.25
C THR C 60 8.09 21.55 6.01
N LYS C 61 8.99 20.59 6.12
CA LYS C 61 9.25 19.71 5.00
C LYS C 61 8.42 18.42 4.93
N LYS C 62 7.93 18.01 6.09
CA LYS C 62 7.13 16.80 6.14
C LYS C 62 5.85 16.96 5.31
N ASN C 63 5.48 15.88 4.65
CA ASN C 63 4.30 15.90 3.81
C ASN C 63 4.34 16.84 2.60
N THR C 64 5.55 16.99 2.07
CA THR C 64 5.75 17.78 0.88
C THR C 64 6.91 17.18 0.08
N MET C 65 7.01 17.59 -1.17
CA MET C 65 8.09 17.09 -2.01
C MET C 65 9.51 17.20 -1.39
N GLU C 66 9.65 18.20 -0.55
CA GLU C 66 10.89 18.45 0.13
C GLU C 66 11.44 17.38 1.07
N MET C 67 10.53 16.62 1.67
CA MET C 67 10.93 15.57 2.58
C MET C 67 11.90 14.53 2.01
N TYR C 68 11.90 14.43 0.70
CA TYR C 68 12.76 13.49 0.02
C TYR C 68 14.18 13.96 -0.32
N ARG C 69 14.35 15.27 -0.25
CA ARG C 69 15.62 15.87 -0.60
C ARG C 69 16.57 16.19 0.55
N VAL C 70 17.72 15.52 0.54
CA VAL C 70 18.71 15.77 1.57
C VAL C 70 19.67 16.75 0.93
N ARG C 71 19.72 17.94 1.50
CA ARG C 71 20.56 19.00 0.94
C ARG C 71 22.02 19.12 1.42
N LEU C 72 22.91 19.06 0.44
CA LEU C 72 24.32 19.16 0.70
C LEU C 72 24.79 20.50 0.14
N SER C 73 25.98 20.90 0.55
CA SER C 73 26.56 22.13 0.05
C SER C 73 28.08 22.04 -0.08
N ASP C 74 28.66 23.07 -0.67
CA ASP C 74 30.10 23.10 -0.85
C ASP C 74 30.90 23.75 0.30
N LYS C 75 30.28 23.73 1.46
CA LYS C 75 30.92 24.26 2.64
C LYS C 75 32.16 23.49 3.06
N PRO C 76 33.01 24.13 3.84
CA PRO C 76 34.24 23.44 4.28
C PRO C 76 34.05 22.15 5.09
N HIS C 77 35.02 21.28 4.98
CA HIS C 77 34.93 19.99 5.66
C HIS C 77 34.56 20.03 7.16
N THR C 78 33.61 19.20 7.51
CA THR C 78 33.15 19.09 8.87
C THR C 78 32.92 17.62 9.22
N ASP C 79 33.07 17.32 10.49
CA ASP C 79 32.87 15.95 10.96
C ASP C 79 31.45 15.68 11.48
N ASP C 80 30.57 16.63 11.22
CA ASP C 80 29.19 16.51 11.66
C ASP C 80 28.31 15.82 10.63
N PRO C 81 27.34 15.07 11.12
CA PRO C 81 26.48 14.32 10.20
C PRO C 81 25.57 15.08 9.24
N ILE C 82 25.34 14.46 8.09
CA ILE C 82 24.45 15.03 7.10
C ILE C 82 23.03 14.54 7.45
N LEU C 83 22.97 13.30 7.91
CA LEU C 83 21.71 12.70 8.29
C LEU C 83 21.93 11.55 9.28
N CYS C 84 20.91 11.32 10.10
CA CYS C 84 20.97 10.25 11.07
C CYS C 84 19.65 9.48 11.00
N LEU C 85 19.75 8.17 11.04
CA LEU C 85 18.56 7.33 10.97
C LEU C 85 18.74 6.02 11.72
N SER C 86 17.67 5.57 12.34
CA SER C 86 17.73 4.33 13.10
C SER C 86 17.29 3.11 12.28
N LEU C 87 18.04 2.04 12.40
CA LEU C 87 17.70 0.83 11.67
C LEU C 87 16.46 0.15 12.30
N SER C 88 15.32 0.76 12.02
CA SER C 88 14.06 0.26 12.50
C SER C 88 13.17 0.40 11.27
N PRO C 89 13.39 -0.46 10.30
CA PRO C 89 12.66 -0.34 9.04
C PRO C 89 11.15 -0.24 9.05
N ALA C 90 10.53 -0.72 10.10
CA ALA C 90 9.07 -0.68 10.17
C ALA C 90 8.54 0.34 11.15
N SER C 91 9.44 0.92 11.93
CA SER C 91 9.01 1.88 12.95
C SER C 91 9.58 3.29 12.97
N ASP C 92 10.74 3.46 12.36
CA ASP C 92 11.34 4.78 12.28
C ASP C 92 10.53 5.52 11.22
N PRO C 93 10.05 6.70 11.57
CA PRO C 93 9.25 7.47 10.62
C PRO C 93 9.77 7.63 9.18
N ARG C 94 11.09 7.68 9.08
CA ARG C 94 11.72 7.81 7.80
C ARG C 94 11.74 6.55 6.97
N LEU C 95 11.64 5.42 7.63
CA LEU C 95 11.63 4.14 6.93
C LEU C 95 10.26 3.49 6.82
N SER C 96 9.44 3.73 7.82
CA SER C 96 8.12 3.15 7.88
C SER C 96 7.15 3.30 6.70
N HIS C 97 7.30 4.40 6.00
CA HIS C 97 6.44 4.67 4.86
C HIS C 97 6.94 4.30 3.45
N THR C 98 8.08 3.64 3.42
CA THR C 98 8.63 3.17 2.16
C THR C 98 7.98 1.83 1.88
N MET C 99 8.08 1.39 0.64
CA MET C 99 7.49 0.11 0.27
C MET C 99 7.94 -0.96 1.27
N LEU C 100 9.24 -1.00 1.52
CA LEU C 100 9.77 -1.95 2.48
C LEU C 100 9.06 -1.82 3.83
N GLY C 101 9.06 -0.61 4.34
CA GLY C 101 8.40 -0.34 5.60
C GLY C 101 6.94 -0.77 5.65
N GLU C 102 6.20 -0.34 4.64
CA GLU C 102 4.79 -0.69 4.56
C GLU C 102 4.51 -2.17 4.58
N ILE C 103 5.30 -2.91 3.83
CA ILE C 103 5.15 -4.35 3.80
C ILE C 103 5.47 -4.91 5.18
N LEU C 104 6.51 -4.35 5.80
CA LEU C 104 6.87 -4.77 7.14
C LEU C 104 5.79 -4.55 8.18
N ASN C 105 4.97 -3.54 7.95
CA ASN C 105 3.87 -3.27 8.86
C ASN C 105 2.71 -4.28 8.92
N TYR C 106 2.79 -5.26 8.05
CA TYR C 106 1.82 -6.32 8.02
C TYR C 106 2.40 -7.61 8.64
N TYR C 107 3.61 -7.47 9.17
CA TYR C 107 4.29 -8.58 9.78
C TYR C 107 4.86 -8.19 11.13
N THR C 108 5.02 -9.17 12.00
CA THR C 108 5.52 -8.91 13.34
C THR C 108 7.03 -9.03 13.47
N HIS C 109 7.62 -9.84 12.63
CA HIS C 109 9.06 -10.04 12.66
C HIS C 109 9.72 -9.92 11.29
N TRP C 110 10.91 -9.33 11.28
CA TRP C 110 11.65 -9.22 10.04
C TRP C 110 13.08 -9.72 10.22
N ALA C 111 13.71 -10.09 9.13
CA ALA C 111 15.07 -10.57 9.18
C ALA C 111 15.76 -10.49 7.83
N GLY C 112 17.07 -10.35 7.87
CA GLY C 112 17.85 -10.27 6.63
C GLY C 112 18.59 -8.96 6.43
N SER C 113 19.41 -8.93 5.39
CA SER C 113 20.19 -7.75 5.09
C SER C 113 19.42 -6.71 4.27
N LEU C 114 19.74 -5.46 4.51
CA LEU C 114 19.13 -4.36 3.79
C LEU C 114 20.16 -3.59 3.00
N LYS C 115 19.69 -2.71 2.14
CA LYS C 115 20.60 -1.90 1.34
C LYS C 115 20.12 -0.48 1.01
N PHE C 116 20.95 0.48 1.35
CA PHE C 116 20.65 1.87 1.09
C PHE C 116 21.44 2.38 -0.10
N THR C 117 20.73 2.97 -1.04
CA THR C 117 21.37 3.49 -2.23
C THR C 117 21.15 4.99 -2.36
N PHE C 118 22.23 5.72 -2.47
CA PHE C 118 22.16 7.16 -2.60
C PHE C 118 22.48 7.68 -4.01
N LEU C 119 21.64 8.59 -4.46
CA LEU C 119 21.80 9.18 -5.77
C LEU C 119 22.15 10.66 -5.63
N PHE C 120 23.29 11.04 -6.19
CA PHE C 120 23.71 12.43 -6.15
C PHE C 120 23.03 13.18 -7.30
N CYS C 121 22.39 14.28 -6.96
CA CYS C 121 21.69 15.05 -7.97
C CYS C 121 22.21 16.46 -8.24
N GLY C 122 23.51 16.61 -8.09
CA GLY C 122 24.14 17.89 -8.35
C GLY C 122 24.56 17.97 -9.81
N SER C 123 25.28 19.02 -10.15
CA SER C 123 25.74 19.19 -11.52
C SER C 123 26.87 18.22 -11.85
N MET C 124 27.13 18.07 -13.13
CA MET C 124 28.20 17.20 -13.57
C MET C 124 29.56 17.72 -13.05
N MET C 125 29.62 19.03 -12.93
CA MET C 125 30.81 19.68 -12.43
C MET C 125 31.15 19.57 -10.96
N ALA C 126 30.16 19.18 -10.17
CA ALA C 126 30.38 19.01 -8.74
C ALA C 126 31.06 17.68 -8.42
N THR C 127 32.00 17.74 -7.50
CA THR C 127 32.70 16.54 -7.08
C THR C 127 32.61 16.38 -5.58
N GLY C 128 33.05 15.23 -5.09
CA GLY C 128 33.02 14.98 -3.66
C GLY C 128 33.14 13.52 -3.18
N LYS C 129 33.40 13.39 -1.90
CA LYS C 129 33.51 12.08 -1.30
C LYS C 129 32.68 12.12 -0.01
N LEU C 130 31.81 11.13 0.13
CA LEU C 130 30.98 11.04 1.30
C LEU C 130 31.18 9.69 2.00
N LEU C 131 30.81 9.63 3.26
CA LEU C 131 30.95 8.42 4.03
C LEU C 131 29.59 7.98 4.56
N VAL C 132 29.15 6.83 4.10
CA VAL C 132 27.87 6.30 4.53
C VAL C 132 28.19 5.18 5.53
N SER C 133 27.58 5.26 6.69
CA SER C 133 27.86 4.30 7.74
C SER C 133 26.70 3.59 8.47
N TYR C 134 27.00 2.40 8.93
CA TYR C 134 26.05 1.62 9.70
C TYR C 134 26.78 1.06 10.91
N ALA C 135 26.31 1.45 12.07
CA ALA C 135 26.91 0.99 13.31
C ALA C 135 25.93 0.12 14.05
N PRO C 136 26.25 -1.15 14.20
CA PRO C 136 25.37 -2.04 14.96
C PRO C 136 25.11 -1.41 16.30
N PRO C 137 23.98 -1.73 16.92
CA PRO C 137 23.65 -1.07 18.19
C PRO C 137 24.48 -1.45 19.41
N GLY C 138 24.18 -0.80 20.53
CA GLY C 138 24.88 -1.09 21.76
C GLY C 138 25.95 -0.13 22.26
N ALA C 139 26.22 0.89 21.49
CA ALA C 139 27.20 1.89 21.88
C ALA C 139 26.57 3.24 21.61
N ASP C 140 27.33 4.30 21.87
CA ASP C 140 26.82 5.63 21.59
C ASP C 140 26.56 5.84 20.12
N PRO C 141 25.43 6.43 19.80
CA PRO C 141 25.11 6.63 18.38
C PRO C 141 26.09 7.60 17.77
N PRO C 142 26.69 7.23 16.65
CA PRO C 142 27.68 8.10 16.03
C PRO C 142 27.19 9.51 15.71
N LYS C 143 27.93 10.49 16.22
CA LYS C 143 27.62 11.87 15.96
C LYS C 143 28.80 12.60 15.32
N LYS C 144 29.88 11.86 15.15
CA LYS C 144 31.07 12.38 14.52
C LYS C 144 31.60 11.34 13.54
N ARG C 145 32.28 11.82 12.53
CA ARG C 145 32.84 10.93 11.52
C ARG C 145 33.75 9.89 12.21
N LYS C 146 34.44 10.38 13.22
CA LYS C 146 35.36 9.57 13.98
C LYS C 146 34.76 8.24 14.45
N GLU C 147 33.54 8.31 14.95
CA GLU C 147 32.86 7.13 15.40
C GLU C 147 32.25 6.32 14.26
N ALA C 148 31.52 7.02 13.41
CA ALA C 148 30.88 6.37 12.27
C ALA C 148 31.91 5.51 11.51
N MET C 149 33.09 6.07 11.36
CA MET C 149 34.17 5.41 10.68
C MET C 149 34.57 4.03 11.22
N LEU C 150 34.19 3.77 12.45
CA LEU C 150 34.50 2.50 13.07
C LEU C 150 33.58 1.33 12.73
N GLY C 151 32.35 1.66 12.35
CA GLY C 151 31.40 0.63 11.98
C GLY C 151 31.45 0.29 10.51
N THR C 152 30.45 -0.45 10.05
CA THR C 152 30.38 -0.81 8.64
C THR C 152 30.17 0.46 7.85
N HIS C 153 31.00 0.67 6.85
CA HIS C 153 30.87 1.86 6.03
C HIS C 153 31.45 1.80 4.59
N VAL C 154 30.93 2.70 3.77
CA VAL C 154 31.37 2.78 2.39
C VAL C 154 31.71 4.24 2.14
N ILE C 155 32.88 4.47 1.57
CA ILE C 155 33.28 5.81 1.22
C ILE C 155 32.91 5.96 -0.27
N TRP C 156 31.98 6.84 -0.52
CA TRP C 156 31.48 7.06 -1.85
C TRP C 156 32.10 8.23 -2.62
N ASP C 157 32.66 7.91 -3.77
CA ASP C 157 33.29 8.91 -4.60
C ASP C 157 32.31 9.28 -5.72
N ILE C 158 31.97 10.55 -5.77
CA ILE C 158 31.04 11.03 -6.76
C ILE C 158 31.64 11.15 -8.16
N GLY C 159 30.98 10.53 -9.11
CA GLY C 159 31.45 10.57 -10.48
C GLY C 159 30.42 10.11 -11.52
N LEU C 160 30.93 9.57 -12.62
CA LEU C 160 30.06 9.10 -13.67
C LEU C 160 28.97 8.12 -13.24
N GLN C 161 29.36 7.19 -12.37
CA GLN C 161 28.42 6.25 -11.81
C GLN C 161 27.82 7.13 -10.70
N SER C 162 26.62 7.61 -10.96
CA SER C 162 25.95 8.50 -10.05
C SER C 162 25.45 8.06 -8.68
N SER C 163 25.37 6.76 -8.50
CA SER C 163 24.87 6.21 -7.25
C SER C 163 25.79 5.25 -6.50
N CYS C 164 25.54 5.14 -5.21
CA CYS C 164 26.31 4.24 -4.37
C CYS C 164 25.45 3.45 -3.36
N THR C 165 25.74 2.18 -3.27
CA THR C 165 24.98 1.32 -2.38
C THR C 165 25.79 0.77 -1.20
N MET C 166 25.21 0.91 -0.02
CA MET C 166 25.82 0.38 1.17
C MET C 166 24.91 -0.74 1.67
N VAL C 167 25.50 -1.91 1.86
CA VAL C 167 24.73 -3.03 2.35
C VAL C 167 24.85 -3.09 3.88
N VAL C 168 23.70 -3.12 4.53
CA VAL C 168 23.65 -3.22 5.96
C VAL C 168 23.48 -4.70 6.21
N PRO C 169 24.56 -5.35 6.61
CA PRO C 169 24.51 -6.79 6.81
C PRO C 169 23.66 -7.19 8.01
N TRP C 170 22.99 -8.32 7.89
CA TRP C 170 22.17 -8.81 8.98
C TRP C 170 23.07 -9.19 10.16
N ILE C 171 23.11 -8.29 11.13
CA ILE C 171 23.90 -8.51 12.32
C ILE C 171 22.94 -8.28 13.48
N SER C 172 22.50 -9.37 14.07
CA SER C 172 21.56 -9.28 15.17
C SER C 172 21.65 -10.48 16.12
N ASN C 173 21.24 -10.24 17.35
CA ASN C 173 21.24 -11.30 18.34
C ASN C 173 20.13 -12.32 18.11
N THR C 174 18.93 -11.82 17.91
CA THR C 174 17.79 -12.68 17.66
C THR C 174 17.71 -13.10 16.21
N THR C 175 17.04 -14.21 15.96
CA THR C 175 16.89 -14.71 14.60
C THR C 175 15.96 -13.85 13.74
N TYR C 176 15.16 -13.03 14.40
CA TYR C 176 14.27 -12.13 13.75
C TYR C 176 14.10 -10.95 14.69
N ARG C 177 13.85 -9.78 14.13
CA ARG C 177 13.62 -8.59 14.94
C ARG C 177 12.17 -8.17 14.98
N GLN C 178 11.82 -7.39 15.98
CA GLN C 178 10.46 -6.90 16.10
C GLN C 178 10.20 -5.79 15.09
N THR C 179 8.96 -5.70 14.63
CA THR C 179 8.61 -4.68 13.67
C THR C 179 8.07 -3.42 14.34
N ILE C 180 8.54 -3.18 15.54
CA ILE C 180 8.17 -2.02 16.30
C ILE C 180 9.44 -1.53 16.98
N ASP C 181 9.34 -0.39 17.63
CA ASP C 181 10.48 0.14 18.35
C ASP C 181 10.69 -0.72 19.61
N ASP C 182 11.79 -1.43 19.61
CA ASP C 182 12.10 -2.34 20.70
C ASP C 182 13.61 -2.40 20.98
N SER C 183 13.94 -2.18 22.23
CA SER C 183 15.33 -2.21 22.64
C SER C 183 16.02 -3.55 22.49
N PHE C 184 15.34 -4.59 22.91
CA PHE C 184 15.92 -5.93 22.81
C PHE C 184 16.29 -6.32 21.38
N THR C 185 15.45 -5.90 20.45
CA THR C 185 15.71 -6.18 19.05
C THR C 185 16.02 -4.93 18.23
N GLU C 186 16.80 -4.05 18.83
CA GLU C 186 17.19 -2.82 18.15
C GLU C 186 18.17 -3.13 17.01
N GLY C 187 18.10 -2.31 15.97
CA GLY C 187 18.93 -2.53 14.81
C GLY C 187 20.23 -1.79 14.54
N GLY C 188 20.39 -0.65 15.20
CA GLY C 188 21.59 0.14 14.99
C GLY C 188 21.38 1.52 14.39
N TYR C 189 22.44 2.08 13.84
CA TYR C 189 22.36 3.42 13.29
C TYR C 189 22.99 3.66 11.91
N ILE C 190 22.25 4.36 11.08
CA ILE C 190 22.74 4.70 9.75
C ILE C 190 23.02 6.20 9.75
N SER C 191 24.14 6.56 9.16
CA SER C 191 24.53 7.95 9.09
C SER C 191 25.41 8.30 7.87
N VAL C 192 25.32 9.56 7.46
CA VAL C 192 26.07 10.03 6.32
C VAL C 192 26.91 11.25 6.68
N PHE C 193 28.17 11.21 6.28
CA PHE C 193 29.08 12.30 6.57
C PHE C 193 29.90 12.71 5.35
N TYR C 194 30.52 13.87 5.44
CA TYR C 194 31.38 14.34 4.38
C TYR C 194 32.77 13.77 4.57
N GLN C 195 33.25 13.06 3.57
CA GLN C 195 34.59 12.48 3.66
C GLN C 195 35.61 13.59 3.41
N THR C 196 35.42 14.29 2.31
CA THR C 196 36.26 15.43 1.98
C THR C 196 35.25 16.55 2.07
N ARG C 197 34.80 17.03 0.92
CA ARG C 197 33.75 18.03 0.89
C ARG C 197 33.23 18.08 -0.56
N ILE C 198 32.17 18.83 -0.75
CA ILE C 198 31.63 19.00 -2.09
C ILE C 198 32.36 20.21 -2.67
N VAL C 199 32.91 20.04 -3.85
CA VAL C 199 33.64 21.12 -4.49
C VAL C 199 33.05 21.38 -5.89
N VAL C 200 32.80 22.66 -6.13
CA VAL C 200 32.25 23.07 -7.42
C VAL C 200 33.11 24.17 -8.01
N PRO C 201 33.13 24.25 -9.33
CA PRO C 201 33.89 25.35 -9.96
C PRO C 201 32.98 26.55 -9.91
N LEU C 202 33.42 27.63 -10.53
CA LEU C 202 32.58 28.84 -10.56
C LEU C 202 31.41 28.65 -11.52
N SER C 203 30.39 29.47 -11.33
CA SER C 203 29.21 29.39 -12.17
C SER C 203 28.41 28.08 -12.08
N THR C 204 28.45 27.49 -10.90
CA THR C 204 27.81 26.23 -10.67
C THR C 204 27.00 26.38 -9.40
N PRO C 205 25.89 25.69 -9.30
CA PRO C 205 25.12 25.75 -8.06
C PRO C 205 25.93 25.17 -6.88
N ARG C 206 25.97 25.93 -5.81
CA ARG C 206 26.73 25.53 -4.64
C ARG C 206 26.01 24.59 -3.66
N GLU C 207 24.73 24.44 -3.88
CA GLU C 207 23.92 23.56 -3.07
C GLU C 207 23.16 22.60 -3.98
N MET C 208 23.06 21.36 -3.55
CA MET C 208 22.37 20.36 -4.33
C MET C 208 21.82 19.24 -3.44
N ASP C 209 21.00 18.40 -4.03
CA ASP C 209 20.37 17.33 -3.27
C ASP C 209 20.81 15.89 -3.59
N ILE C 210 20.68 15.04 -2.59
CA ILE C 210 20.94 13.63 -2.76
C ILE C 210 19.62 12.96 -2.40
N LEU C 211 19.38 11.81 -3.01
CA LEU C 211 18.17 11.07 -2.73
C LEU C 211 18.58 9.68 -2.28
N GLY C 212 17.88 9.17 -1.29
CA GLY C 212 18.17 7.85 -0.77
C GLY C 212 17.10 6.81 -1.06
N PHE C 213 17.52 5.57 -1.16
CA PHE C 213 16.61 4.49 -1.45
C PHE C 213 16.89 3.28 -0.58
N VAL C 214 15.83 2.56 -0.24
CA VAL C 214 15.98 1.37 0.59
C VAL C 214 15.31 0.14 -0.04
N SER C 215 15.96 -0.99 0.14
CA SER C 215 15.44 -2.24 -0.38
C SER C 215 16.06 -3.43 0.33
N ALA C 216 15.34 -4.54 0.30
CA ALA C 216 15.81 -5.76 0.93
C ALA C 216 16.72 -6.56 0.00
N CYS C 217 17.54 -7.41 0.61
CA CYS C 217 18.41 -8.27 -0.17
C CYS C 217 17.76 -9.64 -0.31
N ASN C 218 18.36 -10.48 -1.12
CA ASN C 218 17.79 -11.81 -1.33
C ASN C 218 17.63 -12.74 -0.11
N ASP C 219 18.18 -12.30 0.99
CA ASP C 219 18.11 -13.07 2.21
C ASP C 219 17.12 -12.51 3.26
N PHE C 220 16.25 -11.65 2.78
CA PHE C 220 15.29 -11.00 3.65
C PHE C 220 13.94 -11.70 3.70
N SER C 221 13.42 -11.84 4.91
CA SER C 221 12.14 -12.49 5.10
C SER C 221 11.36 -11.89 6.28
N VAL C 222 10.06 -12.08 6.24
CA VAL C 222 9.20 -11.59 7.29
C VAL C 222 8.26 -12.69 7.74
N ARG C 223 7.73 -12.56 8.94
CA ARG C 223 6.82 -13.57 9.46
C ARG C 223 5.79 -13.04 10.46
N LEU C 224 4.79 -13.87 10.72
CA LEU C 224 3.72 -13.56 11.62
C LEU C 224 2.86 -12.39 11.15
N LEU C 225 1.97 -12.69 10.22
CA LEU C 225 1.09 -11.69 9.67
C LEU C 225 0.25 -11.00 10.72
N ARG C 226 0.10 -9.70 10.56
CA ARG C 226 -0.67 -8.90 11.49
C ARG C 226 -1.25 -7.70 10.77
N ASP C 227 -2.22 -7.06 11.40
CA ASP C 227 -2.82 -5.86 10.82
C ASP C 227 -1.95 -4.63 11.03
N THR C 228 -2.04 -3.72 10.08
CA THR C 228 -1.22 -2.51 10.14
C THR C 228 -1.88 -1.34 10.86
N THR C 229 -1.04 -0.45 11.34
CA THR C 229 -1.52 0.75 12.01
C THR C 229 -1.59 1.92 11.01
N HIS C 230 -1.12 1.64 9.81
CA HIS C 230 -1.07 2.66 8.78
C HIS C 230 -2.37 3.09 8.12
N ILE C 231 -3.46 2.44 8.49
CA ILE C 231 -4.76 2.76 7.95
C ILE C 231 -5.85 2.52 8.99
N GLU C 232 -6.84 3.38 8.98
CA GLU C 232 -7.94 3.26 9.90
C GLU C 232 -9.26 3.84 9.35
N GLN C 233 -10.35 3.36 9.92
CA GLN C 233 -11.66 3.81 9.50
C GLN C 233 -12.39 4.23 10.76
N LYS C 234 -12.46 5.54 10.95
CA LYS C 234 -13.14 6.06 12.13
C LYS C 234 -14.67 6.09 11.98
N ALA C 235 -15.30 5.27 12.80
CA ALA C 235 -16.73 5.12 12.78
C ALA C 235 -17.27 4.41 11.52
C1 MYR D 1 -10.16 -41.60 -2.93
O1 MYR D 1 -10.36 -40.79 -2.00
C2 MYR D 1 -10.36 -43.09 -2.71
C3 MYR D 1 -9.77 -43.56 -1.39
C4 MYR D 1 -10.86 -43.71 -0.34
C5 MYR D 1 -10.68 -42.69 0.77
C6 MYR D 1 -11.85 -42.70 1.74
C7 MYR D 1 -12.79 -41.54 1.45
C8 MYR D 1 -13.42 -40.97 2.73
C9 MYR D 1 -14.91 -40.68 2.57
C10 MYR D 1 -15.18 -39.50 1.62
C11 MYR D 1 -16.51 -39.68 0.90
C12 MYR D 1 -16.58 -38.87 -0.40
C13 MYR D 1 -17.20 -37.50 -0.18
C14 MYR D 1 -18.45 -37.28 -1.03
N GLY D 2 -9.20 -41.37 -3.70
CA GLY D 2 -8.41 -40.29 -4.35
C GLY D 2 -7.83 -39.30 -3.34
N ALA D 3 -7.04 -39.83 -2.42
CA ALA D 3 -6.44 -39.01 -1.40
C ALA D 3 -5.09 -38.40 -1.83
N GLN D 4 -4.88 -37.18 -1.37
CA GLN D 4 -3.65 -36.49 -1.65
C GLN D 4 -2.81 -36.42 -0.37
N VAL D 5 -1.68 -37.10 -0.40
CA VAL D 5 -0.80 -37.12 0.76
C VAL D 5 0.41 -36.23 0.46
N SER D 6 0.62 -35.27 1.34
CA SER D 6 1.73 -34.36 1.17
C SER D 6 2.54 -34.26 2.45
N SER D 7 3.75 -33.76 2.34
CA SER D 7 4.61 -33.63 3.50
C SER D 7 4.46 -32.27 4.19
N GLN D 8 4.71 -32.27 5.49
CA GLN D 8 4.65 -31.05 6.26
C GLN D 8 6.10 -30.61 6.53
N LYS D 9 6.26 -29.32 6.70
CA LYS D 9 7.57 -28.78 7.02
C LYS D 9 7.53 -28.67 8.55
N VAL D 10 8.25 -29.58 9.19
CA VAL D 10 8.25 -29.63 10.64
C VAL D 10 9.16 -28.60 11.36
N GLY D 11 8.50 -27.76 12.13
CA GLY D 11 9.21 -26.74 12.88
C GLY D 11 9.73 -27.25 14.22
N ALA D 12 8.84 -27.31 15.20
CA ALA D 12 9.21 -27.82 16.50
C ALA D 12 9.04 -29.33 16.44
N HIS D 13 10.07 -30.04 16.84
CA HIS D 13 10.04 -31.48 16.81
C HIS D 13 9.86 -32.06 18.21
N GLU D 14 8.96 -33.03 18.32
CA GLU D 14 8.74 -33.69 19.58
C GLU D 14 9.89 -34.66 19.71
N ASN D 15 10.19 -35.06 20.93
CA ASN D 15 11.27 -36.01 21.15
C ASN D 15 10.91 -37.39 20.58
N SER D 16 10.64 -37.40 19.29
CA SER D 16 10.25 -38.64 18.63
C SER D 16 10.81 -38.90 17.23
N ASN D 17 11.24 -40.13 17.02
CA ASN D 17 11.77 -40.54 15.75
C ASN D 17 11.38 -42.02 15.52
N ARG D 18 10.14 -42.30 15.83
CA ARG D 18 9.59 -43.61 15.72
C ARG D 18 8.06 -43.36 15.68
N ALA D 19 7.75 -42.15 15.25
CA ALA D 19 6.39 -41.72 15.12
C ALA D 19 6.28 -40.28 14.61
N TYR D 20 6.76 -39.36 15.43
CA TYR D 20 6.70 -37.95 15.09
C TYR D 20 8.01 -37.38 14.50
N GLY D 21 8.33 -36.20 14.98
CA GLY D 21 9.52 -35.51 14.56
C GLY D 21 10.35 -35.82 13.31
N GLY D 22 10.92 -37.00 13.29
CA GLY D 22 11.80 -37.38 12.19
C GLY D 22 11.31 -37.95 10.87
N SER D 23 10.99 -39.23 10.88
CA SER D 23 10.53 -39.90 9.68
C SER D 23 9.40 -39.21 8.92
N THR D 24 9.75 -38.14 8.24
CA THR D 24 8.80 -37.36 7.47
C THR D 24 7.30 -37.40 7.78
N ILE D 25 6.82 -36.29 8.33
CA ILE D 25 5.41 -36.22 8.70
C ILE D 25 4.56 -35.75 7.50
N ASN D 26 3.60 -36.59 7.16
CA ASN D 26 2.71 -36.30 6.06
C ASN D 26 1.29 -35.97 6.51
N TYR D 27 0.54 -35.38 5.62
CA TYR D 27 -0.86 -35.05 5.91
C TYR D 27 -1.75 -35.38 4.72
N THR D 28 -2.96 -35.81 5.02
CA THR D 28 -3.88 -36.21 3.99
C THR D 28 -4.98 -35.19 3.64
N THR D 29 -5.31 -35.15 2.37
CA THR D 29 -6.33 -34.25 1.89
C THR D 29 -7.21 -34.96 0.85
N ILE D 30 -8.51 -34.84 1.04
CA ILE D 30 -9.45 -35.43 0.12
C ILE D 30 -10.45 -34.34 -0.22
N ASN D 31 -10.62 -34.09 -1.51
CA ASN D 31 -11.58 -33.08 -1.94
C ASN D 31 -12.98 -33.67 -1.98
N TYR D 32 -13.91 -32.98 -1.37
CA TYR D 32 -15.28 -33.48 -1.31
C TYR D 32 -16.31 -32.93 -2.30
N TYR D 33 -15.95 -31.86 -2.96
CA TYR D 33 -16.86 -31.22 -3.90
C TYR D 33 -16.41 -31.22 -5.35
N ARG D 34 -17.39 -31.14 -6.25
CA ARG D 34 -17.08 -31.14 -7.66
C ARG D 34 -16.44 -29.84 -8.20
N ASP D 35 -16.83 -28.74 -7.59
CA ASP D 35 -16.32 -27.45 -7.98
C ASP D 35 -14.99 -27.13 -7.33
N SER D 36 -14.04 -26.73 -8.15
CA SER D 36 -12.71 -26.42 -7.67
C SER D 36 -12.68 -25.24 -6.67
N ALA D 37 -13.66 -24.37 -6.82
CA ALA D 37 -13.78 -23.22 -5.96
C ALA D 37 -13.99 -23.60 -4.49
N SER D 38 -14.52 -24.80 -4.29
CA SER D 38 -14.78 -25.28 -2.97
C SER D 38 -13.55 -25.78 -2.21
N ASN D 39 -12.52 -26.13 -2.96
CA ASN D 39 -11.30 -26.64 -2.37
C ASN D 39 -10.64 -25.67 -1.39
N ALA D 40 -9.89 -26.22 -0.46
CA ALA D 40 -9.14 -25.41 0.48
C ALA D 40 -7.87 -25.01 -0.27
N ALA D 41 -7.15 -24.06 0.28
CA ALA D 41 -5.90 -23.63 -0.34
C ALA D 41 -4.79 -24.63 -0.04
N SER D 42 -4.04 -24.98 -1.05
CA SER D 42 -2.96 -25.94 -0.86
C SER D 42 -1.73 -25.33 -0.20
N LYS D 43 -1.54 -24.05 -0.42
CA LYS D 43 -0.39 -23.35 0.14
C LYS D 43 0.97 -23.80 -0.40
N GLN D 44 0.94 -24.80 -1.26
CA GLN D 44 2.15 -25.32 -1.84
C GLN D 44 2.50 -24.46 -3.06
N ASP D 45 2.94 -23.25 -2.75
CA ASP D 45 3.21 -22.27 -3.78
C ASP D 45 4.65 -22.04 -4.25
N PHE D 46 4.76 -21.48 -5.44
CA PHE D 46 6.05 -21.20 -6.01
C PHE D 46 6.52 -19.75 -5.85
N SER D 47 7.82 -19.58 -5.96
CA SER D 47 8.41 -18.27 -5.87
C SER D 47 9.02 -17.97 -7.24
N GLN D 48 9.39 -16.72 -7.44
CA GLN D 48 10.00 -16.33 -8.70
C GLN D 48 11.07 -15.25 -8.48
N ASP D 49 11.92 -15.10 -9.48
CA ASP D 49 12.96 -14.12 -9.44
C ASP D 49 12.35 -12.73 -9.60
N PRO D 50 12.69 -11.84 -8.68
CA PRO D 50 12.13 -10.50 -8.73
C PRO D 50 12.53 -9.60 -9.90
N SER D 51 13.41 -10.12 -10.73
CA SER D 51 13.90 -9.36 -11.86
C SER D 51 12.97 -8.50 -12.70
N LYS D 52 11.77 -9.00 -12.94
CA LYS D 52 10.80 -8.24 -13.72
C LYS D 52 10.47 -6.87 -13.13
N PHE D 53 10.77 -6.72 -11.84
CA PHE D 53 10.54 -5.48 -11.16
C PHE D 53 11.85 -4.81 -10.73
N THR D 54 12.79 -5.64 -10.32
CA THR D 54 14.07 -5.12 -9.86
C THR D 54 15.07 -4.72 -10.94
N GLU D 55 15.07 -5.48 -12.02
CA GLU D 55 15.99 -5.20 -13.12
C GLU D 55 15.27 -5.24 -14.45
N PRO D 56 14.39 -4.26 -14.67
CA PRO D 56 13.65 -4.26 -15.92
C PRO D 56 14.36 -3.64 -17.12
N ILE D 57 15.68 -3.59 -17.04
CA ILE D 57 16.47 -3.02 -18.11
C ILE D 57 16.66 -3.96 -19.30
N LYS D 58 16.80 -3.35 -20.46
CA LYS D 58 16.95 -4.12 -21.68
C LYS D 58 18.25 -4.91 -21.79
N ASP D 59 19.34 -4.23 -21.47
CA ASP D 59 20.64 -4.88 -21.49
C ASP D 59 20.98 -5.37 -20.09
N VAL D 60 21.18 -6.68 -20.00
CA VAL D 60 21.50 -7.30 -18.73
C VAL D 60 22.49 -6.62 -17.77
N LEU D 61 22.11 -6.62 -16.51
CA LEU D 61 22.92 -6.05 -15.47
C LEU D 61 23.92 -7.03 -14.84
N ILE D 62 25.18 -6.64 -14.88
CA ILE D 62 26.23 -7.44 -14.31
C ILE D 62 26.75 -6.60 -13.14
N LYS D 63 26.38 -7.00 -11.95
CA LYS D 63 26.72 -6.22 -10.76
C LYS D 63 28.13 -5.68 -10.53
N THR D 64 29.11 -6.47 -10.94
CA THR D 64 30.50 -6.08 -10.77
C THR D 64 30.98 -4.99 -11.72
N ALA D 65 30.29 -4.87 -12.84
CA ALA D 65 30.64 -3.88 -13.84
C ALA D 65 29.95 -2.54 -13.62
N PRO D 66 30.45 -1.52 -14.31
CA PRO D 66 29.79 -0.21 -14.20
C PRO D 66 28.40 -0.19 -14.88
N MET D 67 27.43 0.30 -14.13
CA MET D 67 26.08 0.38 -14.63
C MET D 67 25.95 1.11 -15.99
N LEU D 68 26.65 2.23 -16.06
CA LEU D 68 26.66 3.03 -17.26
C LEU D 68 27.99 2.90 -17.98
N ASN D 69 27.92 2.30 -19.16
CA ASN D 69 29.11 2.11 -19.96
C ASN D 69 28.79 2.35 -21.43
N GLN E 1 -4.79 -3.94 55.29
CA GLN E 1 -4.97 -4.61 53.96
C GLN E 1 -4.23 -3.89 52.82
N VAL E 2 -4.81 -4.00 51.63
CA VAL E 2 -4.22 -3.35 50.48
C VAL E 2 -4.61 -1.86 50.52
N GLN E 3 -3.62 -1.04 50.30
CA GLN E 3 -3.83 0.40 50.37
C GLN E 3 -3.30 1.25 49.20
N LEU E 4 -4.18 2.10 48.70
CA LEU E 4 -3.82 3.01 47.63
C LEU E 4 -3.92 4.43 48.17
N GLN E 5 -2.95 5.24 47.81
CA GLN E 5 -2.94 6.61 48.30
C GLN E 5 -2.83 7.72 47.22
N GLU E 6 -3.89 8.50 47.15
CA GLU E 6 -3.95 9.58 46.18
C GLU E 6 -3.23 10.82 46.71
N SER E 7 -2.67 11.57 45.78
CA SER E 7 -1.97 12.79 46.14
C SER E 7 -1.83 13.72 44.94
N GLY E 8 -1.52 14.97 45.23
CA GLY E 8 -1.33 15.96 44.19
C GLY E 8 -2.49 16.89 43.85
N GLY E 9 -3.58 16.72 44.58
CA GLY E 9 -4.74 17.56 44.37
C GLY E 9 -4.59 18.98 44.92
N GLY E 10 -5.47 19.84 44.45
CA GLY E 10 -5.43 21.23 44.88
C GLY E 10 -6.47 22.13 44.20
N SER E 11 -6.25 23.42 44.33
CA SER E 11 -7.14 24.39 43.73
C SER E 11 -6.39 25.29 42.72
N VAL E 12 -6.88 25.24 41.49
CA VAL E 12 -6.29 26.04 40.44
C VAL E 12 -7.37 26.72 39.60
N GLN E 13 -6.95 27.74 38.87
CA GLN E 13 -7.85 28.44 37.99
C GLN E 13 -7.94 27.71 36.63
N ALA E 14 -9.01 28.01 35.91
CA ALA E 14 -9.22 27.41 34.62
C ALA E 14 -8.05 27.57 33.63
N GLY E 15 -7.82 26.50 32.89
CA GLY E 15 -6.74 26.50 31.93
C GLY E 15 -5.43 26.00 32.53
N GLY E 16 -5.46 25.83 33.85
CA GLY E 16 -4.29 25.38 34.56
C GLY E 16 -3.94 23.88 34.44
N SER E 17 -2.92 23.50 35.19
CA SER E 17 -2.47 22.12 35.16
C SER E 17 -2.21 21.51 36.55
N LEU E 18 -2.34 20.19 36.59
CA LEU E 18 -2.08 19.45 37.80
C LEU E 18 -1.52 18.07 37.42
N ARG E 19 -1.07 17.36 38.44
CA ARG E 19 -0.55 16.03 38.26
C ARG E 19 -0.88 15.23 39.52
N LEU E 20 -1.77 14.26 39.35
CA LEU E 20 -2.18 13.43 40.45
C LEU E 20 -1.37 12.14 40.48
N SER E 21 -1.09 11.68 41.69
CA SER E 21 -0.32 10.46 41.86
C SER E 21 -0.96 9.46 42.83
N CYS E 22 -0.90 8.21 42.44
CA CYS E 22 -1.44 7.15 43.27
C CYS E 22 -0.52 5.93 43.40
N ALA E 23 -0.02 5.75 44.60
CA ALA E 23 0.87 4.64 44.88
C ALA E 23 0.26 3.64 45.87
N ALA E 24 0.69 2.40 45.74
CA ALA E 24 0.23 1.36 46.63
C ALA E 24 1.19 1.28 47.82
N SER E 25 0.63 0.99 48.97
CA SER E 25 1.40 0.86 50.18
C SER E 25 2.59 -0.11 50.00
N GLU E 26 2.26 -1.29 49.52
CA GLU E 26 3.23 -2.31 49.26
C GLU E 26 2.87 -2.75 47.85
N TYR E 27 3.77 -3.51 47.24
CA TYR E 27 3.51 -3.99 45.88
C TYR E 27 2.39 -5.05 45.83
N ILE E 28 1.68 -5.03 44.73
CA ILE E 28 0.59 -5.96 44.53
C ILE E 28 0.93 -6.86 43.35
N PRO E 29 0.98 -8.15 43.62
CA PRO E 29 1.35 -9.09 42.58
C PRO E 29 0.16 -9.67 41.81
N SER E 30 -0.71 -8.78 41.37
CA SER E 30 -1.90 -9.21 40.65
C SER E 30 -2.50 -8.00 39.90
N ALA E 31 -2.58 -6.90 40.63
CA ALA E 31 -3.13 -5.69 40.08
C ALA E 31 -2.18 -4.99 39.10
N ASN E 32 -2.55 -5.09 37.83
CA ASN E 32 -1.77 -4.46 36.79
C ASN E 32 -2.50 -3.39 35.99
N CYS E 33 -3.80 -3.33 36.18
CA CYS E 33 -4.58 -2.34 35.46
C CYS E 33 -5.09 -1.30 36.47
N MET E 34 -4.62 -0.08 36.28
CA MET E 34 -5.01 1.00 37.18
C MET E 34 -6.01 1.95 36.51
N ARG E 35 -6.85 2.54 37.34
CA ARG E 35 -7.86 3.45 36.84
C ARG E 35 -8.06 4.71 37.71
N TRP E 36 -8.61 5.73 37.07
CA TRP E 36 -8.92 6.96 37.74
C TRP E 36 -10.42 7.23 37.62
N PHE E 37 -10.99 7.73 38.69
CA PHE E 37 -12.39 8.05 38.72
C PHE E 37 -12.63 9.38 39.42
N ARG E 38 -13.78 9.97 39.15
CA ARG E 38 -14.14 11.22 39.78
C ARG E 38 -15.64 11.29 40.12
N GLN E 39 -15.99 12.33 40.85
CA GLN E 39 -17.38 12.55 41.19
C GLN E 39 -17.68 13.91 41.88
N ALA E 40 -18.86 14.40 41.60
CA ALA E 40 -19.30 15.65 42.17
C ALA E 40 -20.64 15.70 42.87
N PRO E 41 -21.67 15.15 42.21
CA PRO E 41 -22.98 15.18 42.84
C PRO E 41 -23.22 13.93 43.70
N LYS E 42 -23.72 12.90 43.04
CA LYS E 42 -23.97 11.65 43.71
C LYS E 42 -23.70 10.48 42.75
N GLU E 43 -22.95 10.78 41.71
CA GLU E 43 -22.62 9.78 40.72
C GLU E 43 -21.14 9.77 40.30
N ARG E 44 -20.57 8.57 40.35
CA ARG E 44 -19.19 8.41 39.95
C ARG E 44 -19.00 8.39 38.42
N GLU E 45 -17.82 8.82 38.02
CA GLU E 45 -17.50 8.89 36.61
C GLU E 45 -16.09 8.37 36.35
N TRP E 46 -15.97 7.56 35.31
CA TRP E 46 -14.68 7.03 34.94
C TRP E 46 -13.84 8.02 34.15
N VAL E 47 -12.61 8.21 34.61
CA VAL E 47 -11.71 9.12 33.94
C VAL E 47 -10.89 8.35 32.91
N ALA E 48 -9.82 7.72 33.38
CA ALA E 48 -8.96 6.97 32.50
C ALA E 48 -8.43 5.66 33.07
N SER E 49 -8.13 4.73 32.18
CA SER E 49 -7.64 3.43 32.57
C SER E 49 -6.29 3.16 31.92
N VAL E 50 -5.38 2.63 32.72
CA VAL E 50 -4.06 2.32 32.21
C VAL E 50 -3.48 0.97 32.69
N LEU E 51 -3.23 0.11 31.72
CA LEU E 51 -2.63 -1.17 32.00
C LEU E 51 -1.13 -0.95 32.09
N ARG E 52 -0.42 -2.05 32.31
CA ARG E 52 1.03 -1.98 32.43
C ARG E 52 1.85 -0.99 31.60
N GLY E 53 1.70 -1.07 30.29
CA GLY E 53 2.41 -0.18 29.41
C GLY E 53 2.56 -0.71 28.01
N GLY E 54 2.22 0.10 27.00
CA GLY E 54 1.70 1.47 27.21
C GLY E 54 0.31 1.73 26.62
N TYR E 55 -0.58 0.79 26.86
CA TYR E 55 -1.92 0.91 26.35
C TYR E 55 -2.67 1.80 27.36
N THR E 56 -3.19 2.91 26.85
CA THR E 56 -3.87 3.86 27.68
C THR E 56 -5.18 4.32 27.05
N TRP E 57 -6.25 4.26 27.82
CA TRP E 57 -7.54 4.65 27.33
C TRP E 57 -8.07 5.89 28.07
N HIS E 58 -8.91 6.63 27.38
CA HIS E 58 -9.45 7.85 27.95
C HIS E 58 -10.97 7.96 27.75
N ALA E 59 -11.53 9.01 28.30
CA ALA E 59 -12.96 9.24 28.18
C ALA E 59 -13.31 10.43 27.27
N ASP E 60 -14.55 10.43 26.83
CA ASP E 60 -15.03 11.48 25.96
C ASP E 60 -15.34 12.77 26.74
N SER E 61 -14.28 13.35 27.27
CA SER E 61 -14.40 14.58 28.02
C SER E 61 -12.98 14.94 28.46
N VAL E 62 -12.26 13.92 28.91
CA VAL E 62 -10.91 14.13 29.40
C VAL E 62 -9.80 13.80 28.43
N LYS E 63 -10.17 13.31 27.26
CA LYS E 63 -9.17 12.96 26.27
C LYS E 63 -8.48 14.20 25.67
N GLY E 64 -7.20 14.03 25.38
CA GLY E 64 -6.43 15.12 24.81
C GLY E 64 -5.90 16.10 25.85
N ARG E 65 -6.62 16.19 26.96
CA ARG E 65 -6.22 17.08 28.02
C ARG E 65 -5.53 16.27 29.13
N PHE E 66 -6.12 15.13 29.44
CA PHE E 66 -5.60 14.25 30.45
C PHE E 66 -4.71 13.18 29.80
N THR E 67 -3.74 12.72 30.58
CA THR E 67 -2.84 11.70 30.11
C THR E 67 -2.39 10.86 31.31
N ILE E 68 -2.45 9.57 31.13
CA ILE E 68 -2.03 8.66 32.19
C ILE E 68 -0.78 7.89 31.75
N SER E 69 0.12 7.72 32.70
CA SER E 69 1.35 6.98 32.43
C SER E 69 1.47 5.83 33.42
N GLY E 70 2.33 6.00 34.40
CA GLY E 70 2.55 4.98 35.39
C GLY E 70 3.74 4.06 35.10
N ASP E 71 4.47 3.75 36.15
CA ASP E 71 5.62 2.88 36.03
C ASP E 71 5.26 1.43 35.74
N ASN E 72 6.04 0.82 34.87
CA ASN E 72 5.84 -0.55 34.50
C ASN E 72 6.53 -1.51 35.49
N ALA E 73 6.95 -0.93 36.60
CA ALA E 73 7.62 -1.69 37.63
C ALA E 73 6.93 -1.52 39.00
N LYS E 74 6.76 -0.26 39.37
CA LYS E 74 6.13 0.08 40.61
C LYS E 74 4.63 0.18 40.38
N THR E 75 3.88 -0.46 41.26
CA THR E 75 2.43 -0.42 41.12
C THR E 75 1.82 0.96 41.54
N ALA E 76 1.91 1.87 40.59
CA ALA E 76 1.45 3.22 40.78
C ALA E 76 1.10 3.86 39.44
N ALA E 77 0.23 4.84 39.50
CA ALA E 77 -0.18 5.53 38.30
C ALA E 77 -0.22 7.06 38.47
N TYR E 78 -0.13 7.74 37.34
CA TYR E 78 -0.12 9.19 37.36
C TYR E 78 -1.08 9.83 36.37
N LEU E 79 -1.71 10.91 36.80
CA LEU E 79 -2.63 11.64 35.96
C LEU E 79 -2.24 13.11 35.72
N GLN E 80 -1.87 13.38 34.49
CA GLN E 80 -1.49 14.73 34.11
C GLN E 80 -2.72 15.45 33.57
N MET E 81 -3.16 16.45 34.31
CA MET E 81 -4.35 17.20 33.94
C MET E 81 -4.01 18.57 33.35
N ASN E 82 -4.19 18.68 32.05
CA ASN E 82 -3.92 19.94 31.38
C ASN E 82 -5.20 20.66 30.94
N SER E 83 -5.04 21.92 30.59
CA SER E 83 -6.17 22.71 30.14
C SER E 83 -7.46 22.47 30.96
N LEU E 84 -7.28 22.56 32.27
CA LEU E 84 -8.33 22.26 33.19
C LEU E 84 -9.57 23.19 33.13
N LYS E 85 -10.72 22.57 33.28
CA LYS E 85 -11.96 23.29 33.21
C LYS E 85 -12.74 23.26 34.50
N PRO E 86 -13.52 24.32 34.75
CA PRO E 86 -14.32 24.35 35.97
C PRO E 86 -15.24 23.14 36.16
N GLU E 87 -15.45 22.43 35.07
CA GLU E 87 -16.27 21.24 35.11
C GLU E 87 -15.53 20.01 35.66
N ASP E 88 -14.22 20.13 35.68
CA ASP E 88 -13.39 19.05 36.16
C ASP E 88 -13.33 18.95 37.69
N THR E 89 -13.84 19.97 38.34
CA THR E 89 -13.86 20.01 39.79
C THR E 89 -14.57 18.78 40.39
N ALA E 90 -13.77 17.98 41.07
CA ALA E 90 -14.28 16.78 41.71
C ALA E 90 -13.21 16.08 42.55
N ILE E 91 -13.64 15.04 43.23
CA ILE E 91 -12.74 14.24 44.04
C ILE E 91 -12.27 13.09 43.13
N TYR E 92 -10.96 13.03 42.96
CA TYR E 92 -10.38 11.99 42.14
C TYR E 92 -9.91 10.79 42.96
N TYR E 93 -10.10 9.62 42.40
CA TYR E 93 -9.74 8.40 43.10
C TYR E 93 -8.81 7.46 42.32
N CYS E 94 -8.35 6.45 43.04
CA CYS E 94 -7.53 5.42 42.37
C CYS E 94 -7.92 4.01 42.75
N ALA E 95 -7.92 3.13 41.76
CA ALA E 95 -8.28 1.74 42.01
C ALA E 95 -7.60 0.73 41.09
N TYR E 96 -7.01 -0.28 41.72
CA TYR E 96 -6.34 -1.32 40.97
C TYR E 96 -7.37 -2.30 40.43
N SER E 97 -6.97 -3.04 39.41
CA SER E 97 -7.86 -4.01 38.80
C SER E 97 -7.11 -5.32 38.59
N ASN E 98 -7.40 -5.98 37.49
CA ASN E 98 -6.71 -7.20 37.15
C ASN E 98 -6.25 -6.99 35.71
N THR E 99 -7.01 -7.55 34.79
CA THR E 99 -6.71 -7.44 33.38
C THR E 99 -8.01 -6.82 32.81
N CYS E 100 -8.23 -5.58 33.20
CA CYS E 100 -9.42 -4.88 32.84
C CYS E 100 -9.19 -3.52 32.20
N PRO E 101 -8.96 -3.52 30.91
CA PRO E 101 -8.76 -2.27 30.18
C PRO E 101 -10.03 -1.42 30.25
N GLY E 102 -11.15 -2.10 30.29
CA GLY E 102 -12.42 -1.44 30.40
C GLY E 102 -12.59 -0.86 31.81
N ALA E 103 -13.64 -0.06 31.96
CA ALA E 103 -13.91 0.58 33.21
C ALA E 103 -15.38 0.55 33.63
N SER E 104 -15.59 0.33 34.92
CA SER E 104 -16.92 0.28 35.47
C SER E 104 -16.74 0.53 36.97
N ALA E 105 -17.69 1.25 37.53
CA ALA E 105 -17.64 1.53 38.96
C ALA E 105 -18.09 0.24 39.65
N ASP E 106 -17.11 -0.59 39.96
CA ASP E 106 -17.39 -1.87 40.57
C ASP E 106 -16.23 -2.40 41.45
N PHE E 107 -15.43 -1.46 41.92
CA PHE E 107 -14.28 -1.81 42.72
C PHE E 107 -14.59 -2.13 44.20
N ARG E 108 -13.89 -3.13 44.69
CA ARG E 108 -14.05 -3.59 46.04
C ARG E 108 -13.84 -2.51 47.11
N SER E 109 -12.60 -2.08 47.23
CA SER E 109 -12.23 -1.07 48.19
C SER E 109 -12.30 0.32 47.56
N TRP E 110 -12.02 1.32 48.38
CA TRP E 110 -11.97 2.68 47.90
C TRP E 110 -11.05 3.41 48.87
N GLY E 111 -10.01 3.99 48.32
CA GLY E 111 -9.04 4.69 49.15
C GLY E 111 -9.55 5.88 49.98
N GLN E 112 -9.39 7.05 49.40
CA GLN E 112 -9.83 8.27 50.07
C GLN E 112 -10.15 9.34 49.03
N GLY E 113 -9.27 9.45 48.04
CA GLY E 113 -9.44 10.42 47.00
C GLY E 113 -8.61 11.70 47.19
N THR E 114 -8.69 12.55 46.20
CA THR E 114 -7.98 13.81 46.25
C THR E 114 -8.83 14.88 45.53
N GLN E 115 -9.09 15.95 46.27
CA GLN E 115 -9.89 17.04 45.75
C GLN E 115 -9.18 17.96 44.73
N VAL E 116 -9.90 18.20 43.65
CA VAL E 116 -9.42 19.08 42.62
C VAL E 116 -10.50 20.15 42.43
N THR E 117 -10.11 21.38 42.72
CA THR E 117 -11.01 22.49 42.58
C THR E 117 -10.49 23.39 41.46
N VAL E 118 -11.35 23.62 40.49
CA VAL E 118 -10.97 24.45 39.36
C VAL E 118 -11.71 25.79 39.44
N SER E 119 -10.92 26.84 39.50
CA SER E 119 -11.47 28.18 39.56
C SER E 119 -11.87 28.61 38.14
N SER E 120 -12.84 29.50 38.08
CA SER E 120 -13.26 30.04 36.81
C SER E 120 -12.40 31.30 36.58
N HIS E 121 -13.04 32.44 36.73
CA HIS E 121 -12.35 33.70 36.61
C HIS E 121 -12.79 34.70 37.71
C1 PLM F . -15.98 -8.75 -4.20
O1 PLM F . -16.69 -7.70 -4.12
O2 PLM F . -14.74 -8.73 -3.98
C2 PLM F . -16.60 -10.10 -4.57
C3 PLM F . -18.06 -10.26 -4.12
C4 PLM F . -18.88 -11.13 -5.07
C5 PLM F . -20.08 -11.72 -4.35
C6 PLM F . -20.55 -13.02 -5.02
C7 PLM F . -20.90 -14.19 -4.08
C8 PLM F . -21.79 -13.91 -2.86
C9 PLM F . -22.34 -15.18 -2.20
CA PLM F . -23.61 -15.73 -2.87
CB PLM F . -24.53 -16.62 -2.02
CC PLM F . -25.37 -15.90 -0.97
#